data_7BUF
#
_entry.id   7BUF
#
_cell.length_a   1.00
_cell.length_b   1.00
_cell.length_c   1.00
_cell.angle_alpha   90.00
_cell.angle_beta   90.00
_cell.angle_gamma   90.00
#
_symmetry.space_group_name_H-M   'P 1'
#
loop_
_entity.id
_entity.type
_entity.pdbx_description
1 polymer 'SIgN-3C IgG heavy chain'
2 polymer 'SIgN-3C IgG light chain'
3 polymer 'Dengue virus serotype 2 E protein'
4 polymer 'Dengue virus serotype 2 M protein'
#
loop_
_entity_poly.entity_id
_entity_poly.type
_entity_poly.pdbx_seq_one_letter_code
_entity_poly.pdbx_strand_id
1 'polypeptide(L)'
;EVQLVQSGPDVEKPGASVKVSCKASGYTFTSNYIHWVRQAPGQGLEWMGVINPRGGSTASAQKFQGRITMTRDTSTSTVY
MELSSLRSDDTAVYYCARGGRALFYDSYTTPRDGGSWWFDPWGQGSLVTVSS
;
G,H
2 'polypeptide(L)'
;DIQLTQSPSSLSASVGDRVTFTCQASQDIRKYLNWYQQKPGKAPKLLIYDASNLKTGVPSRFSGSGSGTDFTFTISSLQP
EDVATYYCQQFDDLPITFGQGTRLQIK
;
I,L
3 'polypeptide(L)'
;MRCIGISNRDFVEGVSGGSWVDIVLEHGSCVTTMAKNKPTLDFELIKTEAKHPATLRKYCVEAKLTNTTTASRCPTQGEP
SLNEEQDKRFVCKHSMVDRGWGNGCGLFGKGGIVTCAMFTCKKNMEGKVVQPENLEYTIVITPHSGEENAVGNDTGKHGK
EIKVTPQSSITEAELTGYGTVTMECSPRTGLDFNEMVLLQMENKAWLVHRQWFLDLPLPWLPGADTQGSNWIQKETLVTF
KNPHAKKQDVVVLGSQEGAMHTALTGATEIQMSSGNLLFTGHLKCRLRMDKLQLKGMSYSMCTGKFKVVKEIAETQHGTI
VIRVQYEGDGSPCKIPFEIMDLEKRHVLGRLITVNPIVTEKDSPVNIEAEPPFGDSYIIIGVEPGQLKLSWFKKGSSIGQ
MFETTMRGAKRMAILGDTAWDFGSLGGVFTSIGKALHQVFGAIYGAAFSGVSWTMKILIGVVITWIGMNSRSTSLSVSLV
LVGVVTLYLGVMVQA
;
B,A,C
4 'polypeptide(L)' SVALVPHVGMGLETRTETWMSSEGAWKHAQRIETWILRHPGFTIMAAILAYTIGTTYFQRVLIFILLTAVTP E,D,F
#
# COMPACT_ATOMS: atom_id res chain seq x y z
CA GLU A 1 -9.83 -52.48 4.65
CA VAL A 2 -6.62 -50.46 4.39
CA GLN A 3 -7.41 -48.91 1.07
CA LEU A 4 -7.24 -45.87 -1.19
CA VAL A 5 -9.15 -45.39 -4.45
CA GLN A 6 -8.19 -42.97 -7.20
CA SER A 7 -10.14 -41.55 -10.12
CA GLY A 8 -10.27 -42.82 -13.68
CA PRO A 9 -7.81 -41.93 -16.43
CA ASP A 10 -8.17 -38.56 -18.12
CA VAL A 11 -7.00 -36.85 -21.30
CA GLU A 12 -6.62 -33.07 -21.39
CA LYS A 13 -5.39 -30.35 -23.73
CA PRO A 14 -1.96 -28.69 -23.53
CA GLY A 15 -2.01 -25.67 -21.28
CA ALA A 16 -5.13 -26.87 -19.45
CA SER A 17 -5.39 -28.14 -15.86
CA VAL A 18 -6.34 -31.57 -14.56
CA LYS A 19 -7.79 -32.70 -11.23
CA VAL A 20 -7.18 -36.16 -9.74
CA SER A 21 -9.02 -37.43 -6.66
CA CYS A 22 -7.78 -39.79 -3.96
CA LYS A 23 -10.42 -41.23 -1.63
CA ALA A 24 -9.55 -43.04 1.60
CA SER A 25 -11.01 -45.97 3.49
CA GLY A 26 -10.23 -48.12 6.49
CA TYR A 27 -8.75 -45.82 9.12
CA THR A 28 -8.99 -42.33 10.63
CA PHE A 29 -8.42 -39.95 7.70
CA THR A 30 -6.45 -37.42 9.76
CA SER A 31 -3.94 -40.02 11.00
CA ASN A 32 -1.71 -39.99 7.91
CA TYR A 33 -0.36 -37.53 5.34
CA ILE A 34 -1.12 -37.86 1.63
CA HIS A 35 1.64 -37.67 -0.94
CA TRP A 36 1.50 -37.53 -4.73
CA VAL A 37 4.04 -39.25 -6.97
CA ARG A 38 4.22 -39.35 -10.77
CA GLN A 39 5.70 -41.86 -13.20
CA ALA A 40 6.34 -41.24 -16.87
CA PRO A 41 6.15 -44.51 -18.86
CA GLY A 42 9.70 -44.25 -20.19
CA GLN A 43 11.00 -43.33 -16.75
CA GLY A 44 10.97 -44.46 -13.15
CA LEU A 45 9.13 -42.73 -10.31
CA GLU A 46 9.19 -39.04 -9.44
CA TRP A 47 7.80 -37.24 -6.39
CA MET A 48 5.32 -34.43 -6.96
CA GLY A 49 4.30 -33.19 -3.54
CA VAL A 50 2.68 -33.45 -0.14
CA ILE A 51 -0.60 -32.52 1.55
CA ASN A 52 -1.70 -32.98 5.15
CA PRO A 53 -5.36 -33.93 5.68
CA ARG A 54 -5.49 -32.59 9.23
CA GLY A 55 -5.38 -28.84 8.63
CA GLY A 56 -4.26 -28.73 5.01
CA SER A 57 -0.71 -27.48 4.53
CA THR A 58 1.00 -28.44 1.28
CA ALA A 59 4.39 -28.43 -0.33
CA SER A 60 5.93 -29.61 -3.58
CA ALA A 61 9.21 -30.15 -5.35
CA GLN A 62 11.15 -27.56 -7.31
CA LYS A 63 10.24 -29.16 -10.65
CA PHE A 64 6.62 -28.20 -9.98
CA GLN A 65 7.18 -24.59 -8.90
CA GLY A 66 3.79 -22.91 -9.08
CA ARG A 67 2.16 -25.56 -11.26
CA ILE A 68 0.45 -27.78 -8.69
CA THR A 69 -2.33 -27.26 -6.13
CA MET A 70 -3.56 -29.66 -3.44
CA THR A 71 -6.87 -29.51 -1.58
CA ARG A 72 -9.04 -31.95 0.31
CA ASP A 73 -12.48 -32.72 1.69
CA THR A 74 -12.43 -33.95 5.29
CA SER A 75 -16.09 -34.98 5.14
CA THR A 76 -15.58 -37.35 2.20
CA SER A 77 -11.98 -38.16 3.30
CA THR A 78 -10.68 -37.25 -0.13
CA VAL A 79 -7.60 -35.46 -1.51
CA TYR A 80 -7.62 -33.47 -4.74
CA MET A 81 -4.50 -32.74 -6.79
CA GLU A 82 -4.78 -30.11 -9.51
CA LEU A 83 -1.95 -29.81 -11.99
CA SER A 84 -1.87 -26.59 -13.99
CA SER A 85 -0.07 -25.59 -17.21
CA LEU A 86 -0.23 -29.04 -18.75
CA ARG A 87 2.32 -29.95 -21.40
CA SER A 88 3.21 -33.18 -23.18
CA ASP A 89 5.73 -34.18 -20.50
CA ASP A 90 2.93 -34.40 -17.94
CA THR A 91 1.50 -37.54 -19.58
CA ALA A 92 2.13 -40.01 -16.77
CA VAL A 93 0.63 -42.29 -14.13
CA TYR A 94 -0.22 -40.61 -10.82
CA TYR A 95 -0.07 -42.06 -7.33
CA CYS A 96 -1.09 -41.03 -3.80
CA ALA A 97 -0.43 -42.73 -0.45
CA ARG A 98 -0.05 -42.50 3.32
CA GLY A 99 2.68 -41.13 5.60
CA GLY A 100 2.92 -42.07 9.27
CA ARG A 101 2.18 -38.53 10.52
CA ALA A 102 4.08 -35.97 12.60
CA LEU A 103 0.79 -35.28 14.30
CA PHE A 104 0.27 -31.61 13.37
CA TYR A 105 1.69 -30.85 9.90
CA ASP A 106 3.77 -32.07 7.00
CA SER A 107 7.19 -32.76 5.62
CA TYR A 108 8.83 -34.46 8.54
CA THR A 109 11.72 -36.89 8.27
CA THR A 110 13.15 -37.16 11.78
CA PRO A 111 10.25 -39.30 13.29
CA ARG A 112 11.97 -42.57 12.44
CA ASP A 113 10.62 -42.62 8.81
CA GLY A 114 7.62 -42.10 6.63
CA GLY A 115 7.58 -45.84 6.09
CA SER A 116 6.59 -46.25 2.40
CA TRP A 117 6.79 -44.05 -0.71
CA TRP A 118 4.22 -45.36 -1.96
CA PHE A 119 2.95 -48.87 -2.19
CA ASP A 120 1.32 -50.07 1.02
CA PRO A 121 -2.10 -48.30 0.92
CA TRP A 122 -1.92 -46.47 -2.29
CA GLY A 123 -4.70 -47.26 -4.75
CA GLN A 124 -5.09 -48.28 -8.40
CA GLY A 125 -3.54 -45.44 -10.41
CA SER A 126 -4.53 -42.43 -12.46
CA LEU A 127 -3.31 -42.22 -16.05
CA VAL A 128 -3.23 -38.65 -17.38
CA THR A 129 -2.55 -37.94 -21.05
CA VAL A 130 -1.90 -34.48 -22.44
CA SER A 131 -2.78 -34.42 -26.13
CA SER A 132 -4.55 -32.38 -28.78
CA ASP B 1 20.17 -33.36 -4.71
CA ILE B 2 20.18 -35.88 -3.31
CA GLN B 3 21.51 -38.09 -6.09
CA LEU B 4 20.68 -41.78 -5.71
CA THR B 5 22.37 -44.22 -8.08
CA GLN B 6 20.94 -47.70 -8.45
CA SER B 7 22.98 -50.59 -9.80
CA PRO B 8 22.73 -52.49 -11.97
CA SER B 9 20.05 -51.26 -14.34
CA SER B 10 18.73 -54.66 -15.41
CA LEU B 11 19.36 -58.29 -14.54
CA SER B 12 18.44 -61.77 -15.69
CA ALA B 13 18.63 -64.81 -13.43
CA SER B 14 17.16 -68.27 -13.05
CA VAL B 15 14.57 -69.43 -10.53
CA GLY B 16 16.03 -69.94 -7.07
CA ASP B 17 19.06 -67.68 -7.45
CA ARG B 18 20.31 -65.12 -4.94
CA VAL B 19 20.39 -61.60 -6.34
CA THR B 20 21.76 -58.38 -4.82
CA PHE B 21 21.19 -54.73 -5.66
CA THR B 22 23.36 -51.77 -4.72
CA CYS B 23 22.26 -48.20 -4.18
CA GLN B 24 24.68 -45.35 -3.53
CA ALA B 25 23.87 -41.89 -2.20
CA SER B 26 25.89 -38.72 -2.58
CA GLN B 27 25.01 -37.74 1.01
CA ASP B 28 24.68 -39.53 4.32
CA ILE B 29 21.19 -41.05 4.47
CA ARG B 30 22.11 -43.17 7.49
CA LYS B 31 19.01 -45.39 7.67
CA TYR B 32 16.43 -43.57 5.58
CA LEU B 33 16.01 -45.90 2.63
CA ASN B 34 13.16 -47.95 1.21
CA TRP B 35 12.98 -50.81 -1.30
CA TYR B 36 9.94 -51.40 -3.53
CA GLN B 37 8.85 -53.83 -6.18
CA GLN B 38 6.67 -52.82 -9.12
CA LYS B 39 4.93 -55.23 -11.35
CA PRO B 40 4.55 -53.58 -14.76
CA GLY B 41 1.31 -51.69 -15.19
CA LYS B 42 0.09 -53.05 -11.86
CA ALA B 43 -0.40 -52.02 -8.26
CA PRO B 44 3.02 -52.22 -6.61
CA LYS B 45 4.13 -53.20 -3.14
CA LEU B 46 6.62 -52.18 -0.48
CA LEU B 47 9.38 -54.64 0.35
CA ILE B 48 11.81 -53.06 2.81
CA TYR B 49 11.51 -50.07 5.12
CA ASP B 50 14.43 -48.52 7.07
CA ALA B 51 16.74 -50.51 4.70
CA SER B 52 16.73 -53.46 7.12
CA ASN B 53 13.14 -54.36 7.98
CA LEU B 54 10.53 -56.59 6.39
CA LYS B 55 6.93 -55.54 6.08
CA THR B 56 4.45 -57.96 7.60
CA GLY B 57 2.94 -59.93 4.75
CA VAL B 58 6.17 -59.95 2.74
CA PRO B 59 7.82 -63.40 2.54
CA SER B 60 11.14 -63.91 4.24
CA ARG B 61 13.25 -64.32 1.09
CA PHE B 62 13.81 -60.54 0.93
CA SER B 63 16.42 -58.69 2.95
CA GLY B 64 18.36 -55.45 3.01
CA SER B 65 21.48 -54.11 4.66
CA GLY B 66 23.91 -51.22 4.60
CA SER B 67 24.46 -48.14 6.71
CA GLY B 68 26.50 -45.26 5.35
CA THR B 69 25.81 -44.60 1.67
CA ASP B 70 26.03 -48.03 0.02
CA PHE B 71 23.08 -50.32 0.47
CA THR B 72 22.47 -53.91 -0.54
CA PHE B 73 19.11 -55.49 -1.31
CA THR B 74 19.02 -59.26 -1.45
CA ILE B 75 16.60 -61.89 -2.70
CA SER B 76 17.66 -65.28 -1.36
CA SER B 77 15.68 -67.49 -3.76
CA LEU B 78 14.34 -65.96 -6.96
CA GLN B 79 10.76 -66.97 -7.67
CA PRO B 80 8.74 -66.54 -10.89
CA GLU B 81 6.29 -64.10 -9.34
CA ASP B 82 9.17 -61.77 -8.44
CA VAL B 83 9.72 -60.39 -11.95
CA ALA B 84 9.31 -56.68 -11.28
CA THR B 85 11.04 -53.32 -11.45
CA TYR B 86 12.79 -52.68 -8.15
CA TYR B 87 13.40 -49.24 -6.70
CA CYS B 88 15.49 -47.87 -3.88
CA GLN B 89 14.53 -44.55 -2.37
CA GLN B 90 16.03 -41.94 -0.05
CA PHE B 91 13.85 -40.32 2.59
CA ASP B 92 16.26 -37.71 3.89
CA ASP B 93 16.33 -33.90 3.43
CA LEU B 94 13.14 -33.77 1.24
CA PRO B 95 13.70 -33.18 -2.40
CA ILE B 96 12.64 -36.79 -2.28
CA THR B 97 14.46 -38.79 -4.88
CA PHE B 98 13.98 -42.30 -6.21
CA GLY B 99 16.43 -44.68 -7.73
CA GLN B 100 16.38 -45.22 -11.46
CA GLY B 101 15.04 -48.77 -11.36
CA THR B 102 16.09 -52.38 -11.79
CA ARG B 103 14.21 -54.70 -14.13
CA LEU B 104 14.28 -58.48 -13.79
CA GLN B 105 13.99 -61.22 -16.38
CA ILE B 106 13.44 -64.90 -15.65
CA LYS B 107 15.73 -67.40 -17.35
CA MET C 1 -57.77 23.23 5.09
CA ARG C 2 -55.74 20.00 4.83
CA CYS C 3 -54.08 21.67 7.83
CA ILE C 4 -56.46 21.48 10.77
CA GLY C 5 -55.43 19.53 13.84
CA ILE C 6 -51.92 18.90 12.51
CA SER C 7 -50.68 21.18 15.33
CA ASN C 8 -47.35 23.00 15.39
CA ARG C 9 -48.74 25.03 12.46
CA ASP C 10 -46.86 28.01 11.47
CA PHE C 11 -49.15 31.04 11.09
CA VAL C 12 -47.64 33.66 8.77
CA GLU C 13 -48.75 37.31 8.64
CA GLY C 14 -47.68 40.01 6.20
CA VAL C 15 -47.02 40.09 2.46
CA SER C 16 -45.25 43.49 2.29
CA GLY C 17 -42.32 44.02 -0.04
CA GLY C 18 -44.90 43.76 -2.76
CA SER C 19 -45.68 40.05 -2.67
CA TRP C 20 -42.70 38.03 -1.48
CA VAL C 21 -43.01 36.12 1.79
CA ASP C 22 -40.28 33.77 2.97
CA ILE C 23 -41.62 30.43 4.22
CA VAL C 24 -39.65 27.50 5.63
CA LEU C 25 -41.72 24.34 5.54
CA GLU C 26 -41.04 20.72 6.43
CA HIS C 27 -42.66 17.29 6.29
CA GLY C 28 -43.92 17.37 9.85
CA SER C 29 -45.75 20.68 9.98
CA CYS C 30 -47.47 22.90 7.44
CA VAL C 31 -47.78 26.65 6.95
CA THR C 32 -50.86 28.88 6.82
CA THR C 33 -50.30 32.34 5.30
CA MET C 34 -52.32 35.55 5.50
CA ALA C 35 -52.44 38.99 3.92
CA LYS C 36 -54.76 41.99 3.75
CA ASN C 37 -56.12 40.52 0.51
CA LYS C 38 -55.12 37.47 -1.54
CA PRO C 39 -56.84 34.72 0.38
CA THR C 40 -55.25 32.38 2.85
CA LEU C 41 -53.24 29.51 1.40
CA ASP C 42 -52.11 26.34 3.12
CA PHE C 43 -48.66 24.90 2.42
CA GLU C 44 -48.38 21.24 3.34
CA LEU C 45 -45.22 19.38 2.41
CA ILE C 46 -45.51 15.77 1.26
CA LYS C 47 -43.01 13.20 0.02
CA THR C 48 -39.50 13.92 -1.24
CA GLU C 49 -38.21 11.64 -3.99
CA ALA C 50 -34.51 11.34 -4.79
CA LYS C 51 -34.67 9.59 -8.15
CA HIS C 52 -31.22 8.32 -9.06
CA PRO C 53 -28.97 7.12 -6.23
CA ALA C 54 -25.52 5.60 -6.55
CA THR C 55 -24.37 2.72 -4.37
CA LEU C 56 -21.46 3.53 -2.06
CA ARG C 57 -20.77 0.71 0.18
CA LYS C 58 -21.57 -2.81 1.22
CA TYR C 59 -21.24 -3.86 4.82
CA CYS C 60 -21.73 -7.51 5.67
CA VAL C 61 -23.83 -8.18 8.76
CA GLU C 62 -23.87 -11.97 9.01
CA ALA C 63 -21.14 -14.20 7.65
CA LYS C 64 -20.25 -17.88 7.56
CA LEU C 65 -16.96 -19.73 7.28
CA THR C 66 -15.80 -22.77 5.34
CA ASN C 67 -12.75 -24.81 4.26
CA THR C 68 -10.98 -23.88 7.52
CA THR C 69 -7.29 -24.44 6.80
CA THR C 70 -4.53 -24.20 9.38
CA ALA C 71 -0.76 -24.59 9.57
CA SER C 72 2.26 -24.28 11.83
CA ARG C 73 5.90 -24.66 10.95
CA CYS C 74 8.34 -25.39 13.76
CA PRO C 75 9.91 -23.78 16.86
CA THR C 76 11.54 -20.59 15.53
CA GLN C 77 12.67 -21.96 12.24
CA GLY C 78 10.01 -21.00 9.81
CA GLU C 79 7.01 -18.79 10.18
CA PRO C 80 4.13 -20.72 8.65
CA SER C 81 2.76 -20.29 5.17
CA LEU C 82 -0.32 -21.64 3.49
CA ASN C 83 -1.23 -21.58 -0.18
CA GLU C 84 -4.80 -20.44 0.46
CA GLU C 85 -3.52 -17.26 2.11
CA GLN C 86 -3.07 -15.97 -1.46
CA ASP C 87 -6.75 -15.03 -1.84
CA LYS C 88 -7.89 -12.04 0.15
CA ARG C 89 -11.28 -13.79 0.21
CA PHE C 90 -9.74 -15.95 2.93
CA VAL C 91 -9.24 -14.42 6.35
CA CYS C 92 -5.90 -15.27 7.93
CA LYS C 93 -4.07 -14.76 11.20
CA HIS C 94 -0.66 -15.60 12.62
CA SER C 95 -0.25 -16.62 16.24
CA MET C 96 2.26 -18.51 18.38
CA VAL C 97 1.31 -21.63 20.26
CA ASP C 98 3.96 -24.18 21.45
CA ARG C 99 5.64 -27.21 19.88
CA GLY C 100 7.62 -30.16 21.12
CA TRP C 101 8.35 -33.83 20.59
CA GLY C 102 4.84 -34.63 21.73
CA ASN C 103 3.70 -32.56 18.80
CA GLY C 104 6.53 -34.29 16.97
CA CYS C 105 8.77 -31.57 15.59
CA GLY C 106 11.67 -30.94 17.93
CA LEU C 107 13.64 -28.16 19.69
CA PHE C 108 10.76 -27.49 22.15
CA GLY C 109 9.78 -23.93 21.49
CA LYS C 110 6.87 -21.57 21.12
CA GLY C 111 6.44 -21.93 17.37
CA GLY C 112 4.25 -19.88 15.11
CA ILE C 113 0.96 -20.98 13.59
CA VAL C 114 -1.51 -19.64 11.03
CA THR C 115 -5.21 -20.07 10.51
CA CYS C 116 -7.36 -19.40 7.48
CA ALA C 117 -11.05 -19.39 6.58
CA MET C 118 -13.15 -18.67 3.51
CA PHE C 119 -15.50 -15.74 4.00
CA THR C 120 -19.07 -15.97 2.67
CA CYS C 121 -21.64 -13.25 3.35
CA LYS C 122 -25.31 -13.07 4.31
CA LYS C 123 -27.62 -10.06 3.91
CA ASN C 124 -25.94 -6.69 3.78
CA MET C 125 -26.19 -2.95 4.26
CA GLU C 126 -26.61 -1.47 0.81
CA GLY C 127 -25.59 2.17 1.52
CA LYS C 128 -26.24 4.68 -1.26
CA VAL C 129 -25.67 8.38 -1.87
CA VAL C 130 -27.59 10.97 -3.88
CA GLN C 131 -26.39 14.13 -5.55
CA PRO C 132 -28.20 17.43 -4.91
CA GLU C 133 -30.08 16.90 -8.14
CA ASN C 134 -32.32 14.03 -9.28
CA LEU C 135 -34.58 14.85 -6.35
CA GLU C 136 -37.98 16.47 -6.22
CA TYR C 137 -40.08 17.94 -3.47
CA THR C 138 -43.82 17.62 -3.87
CA ILE C 139 -45.81 20.42 -2.29
CA VAL C 140 -49.57 20.49 -2.04
CA ILE C 141 -50.73 24.09 -1.80
CA THR C 142 -54.33 24.28 -0.93
CA PRO C 143 -56.75 27.16 -0.45
CA HIS C 144 -59.44 27.77 2.13
CA SER C 145 -63.00 28.98 1.51
CA GLY C 146 -65.47 26.21 1.61
CA GLU C 147 -65.73 22.94 -0.29
CA GLU C 148 -66.86 20.37 2.28
CA ASN C 149 -65.39 16.98 2.32
CA ALA C 150 -63.16 17.55 5.18
CA VAL C 151 -60.87 20.36 6.31
CA GLY C 152 -58.41 17.45 6.64
CA ASN C 153 -58.11 14.72 3.89
CA ASP C 154 -54.75 15.49 2.29
CA THR C 155 -55.80 12.66 -0.02
CA GLY C 156 -58.04 14.26 -2.60
CA LYS C 157 -57.87 16.72 -5.49
CA HIS C 158 -58.54 20.24 -4.24
CA GLY C 159 -54.99 21.42 -3.66
CA LYS C 160 -52.56 21.15 -6.54
CA GLU C 161 -49.66 18.72 -6.18
CA ILE C 162 -46.86 20.86 -7.62
CA LYS C 163 -43.37 19.40 -8.03
CA VAL C 164 -40.11 21.27 -7.61
CA THR C 165 -36.53 20.28 -8.32
CA PRO C 166 -33.21 22.19 -8.20
CA GLN C 167 -33.19 21.84 -11.98
CA SER C 168 -36.32 24.01 -11.84
CA SER C 169 -37.27 27.50 -10.95
CA ILE C 170 -40.02 29.96 -9.92
CA THR C 171 -42.65 27.14 -9.62
CA GLU C 172 -45.77 28.50 -11.30
CA ALA C 173 -48.90 26.82 -9.95
CA GLU C 174 -52.51 27.33 -10.99
CA LEU C 175 -55.68 26.84 -8.96
CA THR C 176 -59.36 27.23 -9.58
CA GLY C 177 -59.51 30.73 -10.96
CA TYR C 178 -57.56 33.04 -8.69
CA GLY C 179 -54.69 30.84 -7.66
CA THR C 180 -51.76 31.69 -9.89
CA VAL C 181 -49.06 31.36 -7.24
CA THR C 182 -45.33 31.44 -7.91
CA MET C 183 -43.00 29.57 -5.57
CA GLU C 184 -39.24 29.96 -5.71
CA CYS C 185 -37.71 27.11 -3.77
CA SER C 186 -34.09 26.94 -2.66
CA PRO C 187 -33.62 23.18 -2.25
CA ARG C 188 -29.83 23.38 -2.08
CA THR C 189 -30.03 25.10 1.30
CA GLY C 190 -32.15 22.23 2.59
CA LEU C 191 -30.75 19.00 4.03
CA ASP C 192 -27.29 19.81 2.53
CA PHE C 193 -26.70 16.64 0.55
CA ASN C 194 -23.24 15.29 -0.38
CA GLU C 195 -23.17 14.84 3.39
CA MET C 196 -25.90 12.21 3.39
CA VAL C 197 -25.97 8.45 3.08
CA LEU C 198 -29.19 6.53 2.63
CA LEU C 199 -28.72 3.17 4.33
CA GLN C 200 -30.81 0.17 3.35
CA MET C 201 -31.10 -2.90 5.54
CA GLU C 202 -33.39 -5.85 4.64
CA ASN C 203 -36.56 -3.78 4.65
CA LYS C 204 -35.82 -0.36 6.12
CA ALA C 205 -33.58 2.58 5.44
CA TRP C 206 -32.02 5.39 7.42
CA LEU C 207 -30.49 8.76 6.69
CA VAL C 208 -27.06 9.03 8.32
CA HIS C 209 -24.30 11.45 7.56
CA ARG C 210 -21.31 10.47 5.55
CA GLN C 211 -18.26 10.60 7.84
CA TRP C 212 -19.93 8.38 10.43
CA PHE C 213 -20.94 5.88 7.78
CA LEU C 214 -17.43 5.72 6.36
CA ASP C 215 -15.99 5.51 9.86
CA LEU C 216 -18.21 2.59 10.88
CA PRO C 217 -16.77 -0.99 11.31
CA LEU C 218 -18.41 -4.24 10.04
CA PRO C 219 -16.39 -4.95 6.94
CA TRP C 220 -15.88 -2.49 4.13
CA LEU C 221 -16.66 -3.29 0.52
CA PRO C 222 -16.81 -0.79 -2.36
CA GLY C 223 -19.60 -0.39 -4.87
CA ALA C 224 -17.98 -2.31 -7.72
CA ASP C 225 -18.30 -5.83 -6.26
CA THR C 226 -20.50 -7.98 -8.54
CA GLN C 227 -17.87 -10.74 -8.84
CA GLY C 228 -15.80 -9.41 -5.95
CA SER C 229 -16.36 -10.50 -2.32
CA ASN C 230 -13.16 -8.61 -1.56
CA TRP C 231 -13.96 -7.44 1.99
CA ILE C 232 -10.95 -5.41 3.14
CA GLN C 233 -11.52 -5.64 6.94
CA LYS C 234 -12.61 -8.59 9.15
CA GLU C 235 -10.69 -7.77 12.28
CA THR C 236 -13.98 -6.26 13.48
CA LEU C 237 -15.90 -9.39 12.53
CA VAL C 238 -14.75 -13.02 12.75
CA THR C 239 -12.83 -13.75 15.94
CA PHE C 240 -10.24 -16.44 16.55
CA LYS C 241 -10.29 -18.51 19.72
CA ASN C 242 -6.94 -19.41 21.17
CA PRO C 243 -7.00 -21.56 24.28
CA HIS C 244 -4.05 -21.88 26.69
CA ALA C 245 -1.47 -23.49 24.42
CA LYS C 246 -2.69 -25.58 21.52
CA LYS C 247 -4.66 -25.29 18.25
CA GLN C 248 -6.52 -22.06 17.47
CA ASP C 249 -9.89 -21.87 15.78
CA VAL C 250 -12.30 -19.64 13.86
CA VAL C 251 -15.55 -18.11 15.16
CA VAL C 252 -18.24 -16.24 13.26
CA LEU C 253 -19.27 -13.26 15.33
CA GLY C 254 -22.93 -13.48 14.33
CA SER C 255 -25.49 -11.06 12.96
CA GLN C 256 -25.02 -7.48 14.10
CA GLU C 257 -28.42 -6.25 12.96
CA GLY C 258 -29.48 -5.38 16.49
CA ALA C 259 -26.16 -3.73 17.21
CA MET C 260 -26.55 -1.90 13.90
CA HIS C 261 -29.95 -0.54 14.96
CA THR C 262 -28.53 0.47 18.34
CA ALA C 263 -25.80 2.26 16.40
CA LEU C 264 -28.19 4.15 14.18
CA THR C 265 -30.36 5.40 16.99
CA GLY C 266 -30.65 9.17 16.83
CA ALA C 267 -31.05 9.05 13.04
CA THR C 268 -34.16 9.58 10.99
CA GLU C 269 -35.60 6.52 9.31
CA ILE C 270 -37.07 6.23 5.83
CA GLN C 271 -39.18 3.86 3.79
CA MET C 272 -37.32 3.02 0.61
CA SER C 273 -39.04 0.37 -1.49
CA SER C 274 -40.16 2.09 -4.71
CA GLY C 275 -37.03 3.89 -5.85
CA ASN C 276 -37.17 6.35 -2.97
CA LEU C 277 -39.90 7.90 -0.83
CA LEU C 278 -37.81 10.33 1.23
CA PHE C 279 -39.38 12.00 4.26
CA THR C 280 -38.67 14.34 7.16
CA GLY C 281 -36.48 17.35 6.22
CA HIS C 282 -37.22 20.95 5.41
CA LEU C 283 -36.96 23.38 2.54
CA LYS C 284 -37.21 27.11 1.99
CA CYS C 285 -39.62 28.83 -0.39
CA ARG C 286 -39.88 32.44 -1.34
CA LEU C 287 -43.48 33.11 -2.20
CA ARG C 288 -44.88 35.58 -4.71
CA MET C 289 -48.59 36.21 -4.76
CA ASP C 290 -49.64 38.93 -7.21
CA LYS C 291 -51.75 36.99 -9.60
CA LEU C 292 -54.52 36.31 -7.04
CA GLN C 293 -58.17 37.22 -6.86
CA LEU C 294 -60.28 36.57 -3.76
CA LYS C 295 -62.51 34.03 -5.58
CA GLY C 296 -64.70 36.91 -6.62
CA MET C 297 -65.61 40.03 -4.78
CA SER C 298 -68.24 40.39 -7.38
CA TYR C 299 -71.24 39.35 -5.27
CA SER C 300 -73.74 40.36 -2.61
CA MET C 301 -74.14 40.08 1.13
CA CYS C 302 -76.51 37.14 1.28
CA THR C 303 -80.19 36.97 2.26
CA GLY C 304 -80.32 34.99 5.47
CA LYS C 305 -81.48 31.82 7.24
CA PHE C 306 -78.27 29.89 7.63
CA LYS C 307 -78.02 26.70 9.66
CA VAL C 308 -75.18 25.06 11.57
CA VAL C 309 -74.63 21.35 10.90
CA LYS C 310 -71.48 20.92 12.94
CA GLU C 311 -70.19 21.76 16.43
CA ILE C 312 -68.16 24.63 17.89
CA ALA C 313 -64.89 22.80 17.13
CA GLU C 314 -61.94 24.63 18.67
CA THR C 315 -58.57 23.62 17.28
CA GLN C 316 -55.19 24.61 18.63
CA HIS C 317 -55.19 28.18 20.05
CA GLY C 318 -58.04 30.06 18.49
CA THR C 319 -58.48 28.60 15.00
CA ILE C 320 -62.15 27.59 15.61
CA VAL C 321 -64.19 26.17 12.73
CA ILE C 322 -67.94 26.38 12.09
CA ARG C 323 -69.71 24.55 9.27
CA VAL C 324 -72.84 26.36 8.17
CA GLN C 325 -75.52 25.21 5.75
CA TYR C 326 -77.12 27.98 3.76
CA GLU C 327 -80.86 27.70 3.28
CA GLY C 328 -82.65 29.89 0.79
CA ASP C 329 -82.33 31.20 -2.75
CA GLY C 330 -78.70 32.30 -2.58
CA SER C 331 -77.51 32.28 -6.23
CA PRO C 332 -74.20 31.86 -4.62
CA CYS C 333 -73.40 34.85 -2.42
CA LYS C 334 -70.96 35.79 0.31
CA ILE C 335 -71.40 34.88 3.98
CA PRO C 336 -71.82 37.82 6.37
CA PHE C 337 -69.43 36.46 8.98
CA GLU C 338 -68.47 38.59 11.97
CA ILE C 339 -66.81 38.06 15.33
CA MET C 340 -68.29 40.65 17.65
CA ASP C 341 -68.11 41.57 21.27
CA LEU C 342 -71.27 42.26 23.32
CA GLU C 343 -73.68 45.24 22.99
CA LYS C 344 -72.33 48.77 22.15
CA ARG C 345 -70.49 46.93 19.36
CA HIS C 346 -66.73 46.61 19.55
CA VAL C 347 -66.07 44.08 16.74
CA LEU C 348 -62.70 42.43 17.35
CA GLY C 349 -61.66 39.10 15.91
CA ARG C 350 -60.14 37.85 12.73
CA LEU C 351 -61.48 35.64 9.95
CA ILE C 352 -59.11 33.21 8.33
CA THR C 353 -61.26 32.22 5.34
CA VAL C 354 -61.17 35.65 3.81
CA ASN C 355 -64.28 36.22 1.66
CA PRO C 356 -66.00 32.89 2.39
CA ILE C 357 -68.50 31.92 -0.25
CA VAL C 358 -71.48 29.62 -0.67
CA THR C 359 -71.37 27.08 -3.51
CA GLU C 360 -74.24 26.37 -5.97
CA LYS C 361 -76.97 25.32 -3.53
CA ASP C 362 -77.19 23.36 -0.26
CA SER C 363 -73.61 22.30 0.46
CA PRO C 364 -72.20 22.63 3.98
CA VAL C 365 -69.64 25.41 3.64
CA ASN C 366 -67.21 25.78 6.53
CA ILE C 367 -65.40 28.75 8.01
CA GLU C 368 -62.47 29.10 10.36
CA ALA C 369 -61.71 32.14 12.45
CA GLU C 370 -59.87 33.36 15.55
CA PRO C 371 -61.75 34.99 18.44
CA PRO C 372 -60.04 36.93 21.24
CA PHE C 373 -58.93 35.31 24.48
CA GLY C 374 -62.30 35.43 26.27
CA ASP C 375 -65.99 35.96 25.60
CA SER C 376 -67.05 36.30 21.98
CA TYR C 377 -70.24 36.34 19.92
CA ILE C 378 -69.76 34.77 16.50
CA ILE C 379 -72.56 35.98 14.25
CA ILE C 380 -73.45 35.03 10.67
CA GLY C 381 -76.99 36.23 9.90
CA VAL C 382 -78.13 39.68 8.82
CA GLU C 383 -81.67 40.94 8.38
CA PRO C 384 -83.56 39.17 11.18
CA GLY C 385 -80.09 39.00 12.83
CA GLN C 386 -80.43 35.34 12.00
CA LEU C 387 -77.90 33.53 14.17
CA LYS C 388 -75.51 34.34 16.99
CA LEU C 389 -73.37 31.82 18.85
CA SER C 390 -71.62 32.32 22.16
CA TRP C 391 -68.04 31.17 22.51
CA PHE C 392 -65.42 31.43 25.23
CA LYS C 393 -61.81 31.07 24.18
CA LYS C 394 -60.19 30.34 27.54
CA GLY C 395 -56.70 31.50 26.64
CA SER C 396 -54.72 34.54 27.73
CA SER C 397 -52.79 37.33 26.08
CA ILE C 398 -49.66 36.64 28.13
CA GLY C 399 -49.96 32.89 27.76
CA GLN C 400 -50.36 33.29 24.01
CA MET C 401 -47.22 35.45 23.87
CA PHE C 402 -45.32 32.94 26.00
CA GLU C 403 -46.37 30.03 23.79
CA THR C 404 -45.32 32.04 20.74
CA THR C 405 -41.99 32.60 22.48
CA MET C 406 -41.69 28.83 22.97
CA ARG C 407 -42.39 28.33 19.26
CA GLY C 408 -39.65 30.84 18.53
CA ALA C 409 -37.31 28.97 20.84
CA LYS C 410 -38.08 25.73 19.02
CA ARG C 411 -37.32 27.57 15.79
CA MET C 412 -34.02 28.76 17.32
CA ALA C 413 -33.77 25.02 17.90
CA ILE C 414 -34.22 22.34 15.30
CA LEU C 415 -34.54 24.32 12.06
CA GLY C 416 -31.43 26.46 11.71
CA ASP C 417 -30.84 29.89 10.23
CA THR C 418 -33.67 29.11 7.83
CA ALA C 419 -35.85 29.90 10.85
CA TRP C 420 -34.33 33.36 10.76
CA ASP C 421 -35.53 33.25 7.20
CA PHE C 422 -38.95 31.97 8.41
CA GLY C 423 -40.38 35.47 8.69
CA SER C 424 -40.30 37.96 5.85
CA LEU C 425 -39.93 41.62 4.84
CA GLY C 426 -37.40 42.26 7.57
CA GLY C 427 -34.86 44.29 5.66
CA VAL C 428 -32.11 45.29 8.07
CA PHE C 429 -32.94 43.53 11.32
CA THR C 430 -33.95 40.09 10.05
CA SER C 431 -30.98 39.85 7.66
CA ILE C 432 -28.46 40.98 10.26
CA GLY C 433 -29.98 38.55 12.75
CA LYS C 434 -29.65 35.73 10.23
CA ALA C 435 -26.01 36.59 9.52
CA LEU C 436 -25.18 36.99 13.21
CA HIS C 437 -26.82 33.70 14.14
CA GLN C 438 -25.12 32.16 11.09
CA VAL C 439 -21.63 32.97 12.32
CA PHE C 440 -22.64 32.30 15.95
CA GLY C 441 -24.03 28.84 15.25
CA ALA C 442 -21.03 28.18 13.05
CA ILE C 443 -18.84 28.83 16.08
CA TYR C 444 -21.12 26.51 18.04
CA GLY C 445 -21.25 24.16 15.06
CA ALA C 446 -19.13 20.99 14.76
CA ALA C 447 -17.29 23.08 16.98
CA PHE C 448 -18.83 21.57 20.17
CA SER C 449 -21.18 19.02 18.68
CA GLY C 450 -21.33 15.24 18.58
CA VAL C 451 -22.37 15.09 22.23
CA SER C 452 -25.37 13.36 23.72
CA TRP C 453 -28.31 14.57 25.84
CA THR C 454 -26.72 13.86 29.25
CA MET C 455 -23.29 15.23 28.43
CA LYS C 456 -24.77 18.35 26.86
CA ILE C 457 -26.83 19.18 29.95
CA LEU C 458 -23.83 18.42 32.15
CA ILE C 459 -21.47 20.62 30.15
CA GLY C 460 -24.22 23.22 30.33
CA VAL C 461 -24.40 23.18 34.11
CA VAL C 462 -20.62 23.25 34.54
CA ILE C 463 -20.23 26.16 32.13
CA THR C 464 -23.10 27.99 33.76
CA TRP C 465 -21.44 27.54 37.16
CA ILE C 466 -18.13 28.85 35.86
CA GLY C 467 -20.09 31.77 34.47
CA MET C 468 -21.79 32.21 37.84
CA ASN C 469 -18.35 32.63 39.44
CA SER C 470 -18.54 36.22 38.15
CA ARG C 471 -15.25 37.71 36.95
CA SER C 472 -15.19 41.19 35.38
CA THR C 473 -18.70 40.99 33.79
CA SER C 474 -17.75 38.29 31.34
CA LEU C 475 -20.49 36.43 33.21
CA SER C 476 -23.13 37.62 30.75
CA VAL C 477 -21.67 36.32 27.44
CA SER C 478 -20.62 33.40 29.60
CA LEU C 479 -23.35 32.32 32.07
CA VAL C 480 -26.65 33.76 30.87
CA LEU C 481 -26.26 33.42 27.10
CA VAL C 482 -24.49 30.06 27.25
CA GLY C 483 -26.74 28.64 29.97
CA VAL C 484 -29.90 29.59 28.08
CA VAL C 485 -28.67 28.19 24.77
CA THR C 486 -27.26 24.99 26.30
CA LEU C 487 -30.24 24.12 28.49
CA TYR C 488 -32.96 25.12 26.00
CA LEU C 489 -31.05 23.21 23.36
CA GLY C 490 -30.26 20.12 25.45
CA VAL C 491 -33.75 19.49 26.75
CA MET C 492 -35.19 19.88 23.24
CA VAL C 493 -32.76 17.76 21.21
CA GLN C 494 -32.78 13.97 20.65
CA ALA C 495 -36.38 14.18 19.53
CA SER D 1 -18.33 -3.07 17.18
CA VAL D 2 -21.28 -0.85 16.31
CA ALA D 3 -22.34 -1.38 19.90
CA LEU D 4 -21.16 2.18 20.41
CA VAL D 5 -20.63 5.45 18.54
CA PRO D 6 -24.45 5.58 18.64
CA HIS D 7 -24.98 8.56 16.26
CA VAL D 8 -26.07 11.03 18.90
CA GLY D 9 -25.07 14.67 18.58
CA MET D 10 -24.26 14.54 14.88
CA GLY D 11 -26.96 17.03 14.01
CA LEU D 12 -29.45 16.31 11.26
CA GLU D 13 -32.53 16.56 13.45
CA THR D 14 -36.08 17.28 12.38
CA ARG D 15 -39.46 17.94 13.92
CA THR D 16 -40.18 14.22 14.20
CA GLU D 17 -38.85 11.59 16.59
CA THR D 18 -35.82 9.89 15.20
CA TRP D 19 -35.34 6.21 16.00
CA MET D 20 -35.72 5.13 19.61
CA SER D 21 -37.92 8.12 20.60
CA SER D 22 -36.40 9.16 23.97
CA GLU D 23 -35.77 5.56 25.00
CA GLY D 24 -32.02 5.52 24.44
CA ALA D 25 -31.49 8.33 26.95
CA TRP D 26 -33.33 6.51 29.71
CA LYS D 27 -31.55 3.34 28.55
CA HIS D 28 -28.17 4.98 29.19
CA ALA D 29 -29.19 6.43 32.55
CA GLN D 30 -30.82 3.23 33.82
CA ARG D 31 -27.90 1.03 32.86
CA ILE D 32 -25.35 3.27 34.57
CA GLU D 33 -27.60 3.42 37.65
CA THR D 34 -27.91 -0.37 37.58
CA TRP D 35 -24.15 -0.78 37.31
CA ILE D 36 -23.65 1.57 40.28
CA LEU D 37 -26.20 -0.47 42.22
CA ARG D 38 -24.41 -3.74 41.48
CA HIS D 39 -20.87 -2.55 42.34
CA PRO D 40 -20.96 -0.31 45.42
CA GLY D 41 -17.29 -0.71 46.27
CA PHE D 42 -16.09 1.17 43.22
CA THR D 43 -18.55 3.94 44.08
CA ILE D 44 -17.04 4.15 47.56
CA MET D 45 -13.55 4.20 46.02
CA ALA D 46 -14.58 7.01 43.67
CA ALA D 47 -16.04 8.95 46.60
CA ILE D 48 -12.78 8.59 48.53
CA LEU D 49 -10.79 9.75 45.50
CA ALA D 50 -13.13 12.70 45.09
CA TYR D 51 -12.62 13.64 48.72
CA THR D 52 -8.83 13.34 48.43
CA ILE D 53 -8.01 15.08 45.13
CA GLY D 54 -9.62 18.38 44.27
CA THR D 55 -10.84 19.30 47.80
CA THR D 56 -12.93 22.22 46.71
CA TYR D 57 -16.51 20.93 46.94
CA PHE D 58 -17.58 21.60 43.36
CA GLN D 59 -14.49 19.86 42.00
CA ARG D 60 -15.26 16.91 44.29
CA VAL D 61 -18.83 16.55 43.01
CA LEU D 62 -17.67 16.92 39.40
CA ILE D 63 -15.03 14.23 39.49
CA PHE D 64 -17.26 11.94 41.51
CA ILE D 65 -20.05 12.03 38.94
CA LEU D 66 -17.41 11.61 36.24
CA LEU D 67 -15.88 8.52 37.87
CA THR D 68 -19.36 7.10 38.13
CA ALA D 69 -19.70 7.76 34.41
CA VAL D 70 -16.26 6.46 33.35
CA THR D 71 -17.52 2.89 33.06
CA PRO D 72 -17.70 1.55 29.48
CA MET E 1 54.48 -28.67 10.96
CA ARG E 2 51.50 -27.82 8.72
CA CYS E 3 51.81 -24.64 10.77
CA ILE E 4 54.89 -22.75 9.62
CA GLY E 5 54.48 -19.32 8.08
CA ILE E 6 50.75 -19.21 8.85
CA SER E 7 51.58 -16.40 11.31
CA ASN E 8 49.39 -15.33 14.23
CA ARG E 9 50.20 -18.77 15.69
CA ASP E 10 49.27 -19.32 19.19
CA PHE E 11 52.15 -20.84 21.18
CA VAL E 12 50.92 -22.73 24.26
CA GLU E 13 53.11 -23.65 27.24
CA GLY E 14 52.24 -25.80 30.23
CA VAL E 15 50.30 -29.04 30.68
CA SER E 16 49.92 -28.92 34.50
CA GLY E 17 46.72 -30.07 36.16
CA GLY E 18 47.81 -33.50 35.05
CA SER E 19 47.20 -33.29 31.33
CA TRP E 20 44.38 -30.88 30.51
CA VAL E 21 45.20 -27.77 28.50
CA ASP E 22 42.48 -25.42 27.29
CA ILE E 23 42.90 -24.39 23.64
CA VAL E 24 40.72 -22.05 21.62
CA LEU E 25 41.33 -22.54 17.91
CA GLU E 26 39.80 -21.07 14.78
CA HIS E 27 39.91 -21.41 10.99
CA GLY E 28 42.36 -18.58 10.48
CA SER E 29 45.16 -19.49 12.86
CA CYS E 30 46.45 -22.71 14.37
CA VAL E 31 47.86 -23.69 17.75
CA THR E 32 51.23 -25.18 18.70
CA THR E 33 51.42 -26.76 22.17
CA MET E 34 54.36 -27.65 24.39
CA ALA E 35 55.08 -29.54 27.59
CA LYS E 36 58.07 -30.87 29.53
CA ASN E 37 57.48 -34.19 27.78
CA LYS E 38 54.77 -35.41 25.40
CA PRO E 39 55.99 -33.95 22.13
CA THR E 40 54.73 -30.83 20.45
CA LEU E 41 51.45 -31.13 18.60
CA ASP E 42 50.00 -28.78 16.02
CA PHE E 43 46.28 -28.00 15.97
CA GLU E 44 45.08 -26.65 12.65
CA LEU E 45 41.37 -26.17 12.13
CA ILE E 46 39.91 -26.93 8.71
CA LYS E 47 36.38 -26.89 7.28
CA THR E 48 33.17 -26.86 9.30
CA GLU E 49 30.21 -28.68 7.76
CA ALA E 50 26.63 -28.05 8.88
CA LYS E 51 24.89 -31.02 7.32
CA HIS E 52 21.13 -30.47 7.45
CA PRO E 53 19.86 -26.89 7.06
CA ALA E 54 16.24 -25.77 6.94
CA THR E 55 15.06 -23.02 4.62
CA LEU E 56 13.74 -19.91 6.37
CA ARG E 57 13.01 -17.29 3.92
CA LYS E 58 12.82 -16.23 0.32
CA TYR E 59 13.53 -12.66 -0.66
CA CYS E 60 12.98 -11.65 -4.26
CA VAL E 61 15.69 -9.48 -5.76
CA GLU E 62 14.48 -8.86 -9.32
CA ALA E 63 10.84 -8.87 -10.33
CA LYS E 64 8.74 -8.23 -13.41
CA LEU E 65 5.17 -7.09 -13.89
CA THR E 66 2.36 -8.13 -16.21
CA ASN E 67 -1.39 -7.81 -16.95
CA THR E 68 -1.34 -4.24 -15.54
CA THR E 69 -4.96 -3.50 -14.67
CA THR E 70 -6.23 -0.26 -13.18
CA ALA E 71 -9.55 1.45 -12.49
CA SER E 72 -11.17 4.61 -11.16
CA ARG E 73 -14.55 5.25 -9.64
CA CYS E 74 -16.03 8.73 -10.01
CA PRO E 75 -15.63 11.99 -8.05
CA THR E 76 -16.39 11.00 -4.43
CA GLN E 77 -19.09 8.52 -5.17
CA GLY E 78 -17.39 5.20 -5.18
CA GLU E 79 -13.90 4.20 -4.25
CA PRO E 80 -12.70 1.96 -7.05
CA SER E 81 -12.70 -1.80 -7.03
CA LEU E 82 -11.18 -4.33 -9.37
CA ASN E 83 -11.76 -8.06 -9.52
CA GLU E 84 -8.06 -8.89 -9.80
CA GLU E 85 -7.41 -7.25 -6.44
CA GLN E 86 -8.73 -10.59 -5.13
CA ASP E 87 -5.35 -12.32 -5.43
CA LYS E 88 -2.56 -11.23 -3.13
CA ARG E 89 -0.27 -12.21 -6.02
CA PHE E 90 -1.31 -8.90 -7.56
CA VAL E 91 0.10 -5.72 -6.07
CA CYS E 92 -2.47 -2.95 -5.68
CA LYS E 93 -2.61 0.68 -4.64
CA HIS E 94 -5.29 3.33 -4.22
CA SER E 95 -4.63 6.95 -5.15
CA MET E 96 -6.64 10.04 -6.05
CA VAL E 97 -6.22 11.78 -9.37
CA ASP E 98 -8.95 14.12 -10.79
CA ARG E 99 -12.05 13.60 -12.92
CA GLY E 100 -14.33 15.79 -14.96
CA TRP E 101 -16.42 15.62 -18.09
CA GLY E 102 -13.31 15.83 -20.18
CA ASN E 103 -12.70 12.48 -18.56
CA GLY E 104 -16.42 12.02 -19.06
CA CYS E 105 -17.91 11.26 -15.65
CA GLY E 106 -19.27 14.41 -14.08
CA LEU E 107 -19.31 16.44 -10.84
CA PHE E 108 -15.67 17.60 -11.36
CA GLY E 109 -13.81 16.24 -8.40
CA LYS E 110 -10.63 14.59 -7.27
CA GLY E 111 -11.80 11.00 -7.65
CA GLY E 112 -10.05 7.89 -6.45
CA ILE E 113 -8.21 5.40 -8.65
CA VAL E 114 -6.59 1.99 -8.22
CA THR E 115 -3.78 0.21 -9.98
CA CYS E 116 -2.85 -3.45 -10.05
CA ALA E 117 -0.03 -5.62 -11.37
CA MET E 118 0.85 -9.30 -11.36
CA PHE E 119 4.09 -10.02 -9.53
CA THR E 120 6.56 -12.53 -11.02
CA CYS E 121 9.97 -13.13 -9.47
CA LYS E 122 13.53 -13.61 -10.70
CA LYS E 123 16.43 -15.14 -8.75
CA ASN E 124 16.14 -15.02 -4.99
CA MET E 125 17.87 -15.08 -1.64
CA GLU E 126 17.45 -18.59 -0.28
CA GLY E 127 18.14 -17.95 3.44
CA LYS E 128 18.54 -21.03 5.63
CA VAL E 129 19.13 -21.80 9.30
CA VAL E 130 20.93 -24.64 11.07
CA GLN E 131 20.40 -26.09 14.51
CA PRO E 132 23.37 -26.53 16.87
CA GLU E 133 23.57 -30.14 15.81
CA ASN E 134 24.02 -31.69 12.35
CA LEU E 135 27.35 -29.90 12.17
CA GLU E 136 30.88 -31.19 12.41
CA TYR E 137 34.24 -29.57 12.91
CA THR E 138 37.17 -31.27 11.24
CA ILE E 139 40.48 -30.84 13.04
CA VAL E 140 43.80 -31.99 11.71
CA ILE E 141 46.16 -32.57 14.61
CA THR E 142 49.64 -33.10 13.42
CA PRO E 143 52.91 -33.86 15.18
CA HIS E 144 56.40 -32.51 14.65
CA SER E 145 59.65 -34.51 14.48
CA GLY E 146 60.81 -35.01 10.99
CA GLU E 147 59.14 -36.51 7.93
CA GLU E 148 60.18 -34.26 5.03
CA ASN E 149 57.73 -33.33 2.42
CA ALA E 150 57.10 -29.92 3.68
CA VAL E 151 56.57 -28.36 7.10
CA GLY E 152 53.57 -26.84 5.29
CA ASN E 153 51.30 -28.97 2.98
CA ASP E 154 48.09 -29.32 4.99
CA THR E 155 47.10 -31.52 2.05
CA GLY E 156 48.61 -34.90 2.80
CA LYS E 157 48.26 -37.77 5.25
CA HIS E 158 50.54 -37.26 8.23
CA GLY E 159 48.16 -35.56 10.62
CA LYS E 160 44.89 -37.31 11.37
CA GLU E 161 41.68 -35.65 10.17
CA ILE E 162 39.51 -36.21 13.26
CA LYS E 163 35.85 -35.15 13.20
CA VAL E 164 33.89 -33.78 16.13
CA THR E 165 30.20 -33.02 16.56
CA PRO E 166 28.09 -31.91 19.56
CA GLN E 167 26.51 -35.36 19.38
CA SER E 168 30.02 -36.61 20.23
CA SER E 169 32.41 -36.51 23.08
CA ILE E 170 36.02 -36.84 24.31
CA THR E 171 37.38 -37.19 20.71
CA GLU E 172 39.90 -40.04 20.88
CA ALA E 173 42.49 -39.75 18.11
CA GLU E 174 45.35 -42.08 17.28
CA LEU E 175 48.66 -41.30 15.58
CA THR E 176 51.72 -43.26 14.60
CA GLY E 177 52.56 -44.98 17.85
CA TYR E 178 52.57 -42.42 20.63
CA GLY E 179 49.73 -40.17 19.60
CA THR E 180 46.68 -41.27 21.57
CA VAL E 181 45.27 -37.80 22.16
CA THR E 182 41.85 -37.06 23.65
CA MET E 183 40.08 -33.85 22.68
CA GLU E 184 36.95 -32.66 24.45
CA CYS E 185 35.37 -29.99 22.29
CA SER E 186 32.63 -27.63 23.44
CA PRO E 187 31.05 -26.66 20.11
CA ARG E 188 27.95 -25.16 21.70
CA THR E 189 30.01 -22.29 23.10
CA GLY E 190 31.27 -21.55 19.60
CA LEU E 191 29.49 -19.36 17.07
CA ASP E 192 26.25 -19.57 19.16
CA PHE E 193 23.87 -20.84 16.50
CA ASN E 194 20.08 -20.30 16.57
CA GLU E 195 21.27 -16.73 16.04
CA MET E 196 22.68 -17.44 12.58
CA VAL E 197 21.29 -17.34 9.07
CA LEU E 198 23.18 -18.72 6.11
CA LEU E 199 22.23 -16.60 3.12
CA GLN E 200 22.58 -17.94 -0.41
CA MET E 201 22.57 -15.69 -3.45
CA GLU E 202 23.15 -17.03 -7.00
CA ASN E 203 26.60 -18.40 -6.24
CA LYS E 204 27.72 -17.14 -2.86
CA ALA E 205 26.59 -17.29 0.74
CA TRP E 206 27.01 -15.19 3.85
CA LEU E 207 26.63 -15.68 7.57
CA VAL E 208 24.41 -12.95 9.03
CA HIS E 209 22.61 -12.92 12.32
CA ARG E 210 18.95 -13.58 12.60
CA GLN E 211 17.26 -10.37 13.76
CA TRP E 212 18.89 -8.33 10.98
CA PHE E 213 17.86 -10.89 8.37
CA LEU E 214 14.26 -10.90 9.59
CA ASP E 215 14.27 -7.11 9.79
CA LEU E 216 15.52 -6.66 6.24
CA PRO E 217 13.18 -5.34 3.44
CA LEU E 218 12.95 -6.76 -0.16
CA PRO E 219 9.80 -8.81 0.05
CA TRP E 220 9.17 -11.50 2.62
CA LEU E 221 8.18 -15.03 1.72
CA PRO E 222 8.11 -18.03 4.09
CA GLY E 223 9.69 -21.41 3.52
CA ALA E 224 6.49 -23.09 2.32
CA ASP E 225 6.46 -21.74 -1.23
CA THR E 226 6.32 -24.53 -3.83
CA GLN E 227 3.05 -23.14 -5.21
CA GLY E 228 3.36 -19.99 -3.14
CA SER E 229 4.34 -16.69 -4.77
CA ASN E 230 2.52 -15.10 -1.85
CA TRP E 231 4.97 -12.24 -1.18
CA ILE E 232 3.54 -10.31 1.77
CA GLN E 233 5.39 -6.97 1.20
CA LYS E 234 6.07 -4.99 -2.02
CA GLU E 235 5.94 -1.50 -0.66
CA THR E 236 9.74 -1.75 -0.51
CA LEU E 237 9.91 -2.99 -4.09
CA VAL E 238 7.73 -1.96 -7.04
CA THR E 239 7.03 1.77 -7.12
CA PHE E 240 4.09 3.58 -8.69
CA LYS E 241 4.60 6.71 -10.74
CA ASN E 242 1.96 9.36 -10.39
CA PRO E 243 2.43 12.46 -12.52
CA HIS E 244 0.70 15.79 -11.81
CA ALA E 245 -2.94 14.82 -12.25
CA LYS E 246 -3.72 11.92 -14.54
CA LYS E 247 -3.30 8.11 -14.78
CA GLN E 248 -0.73 6.39 -12.56
CA ASP E 249 1.57 3.57 -13.57
CA VAL E 250 3.70 0.68 -12.32
CA VAL E 251 7.51 0.53 -12.14
CA VAL E 252 9.76 -2.41 -11.34
CA LEU E 253 12.47 -1.20 -9.03
CA GLY E 254 15.16 -3.42 -10.56
CA SER E 255 17.68 -5.89 -9.20
CA GLN E 256 18.98 -5.06 -5.75
CA GLU E 257 21.90 -7.49 -5.82
CA GLY E 258 24.45 -4.69 -5.54
CA ALA E 259 22.47 -3.01 -2.80
CA MET E 260 22.20 -6.41 -1.13
CA HIS E 261 25.98 -6.81 -1.17
CA THR E 262 26.41 -3.28 0.18
CA ALA E 263 23.98 -4.28 2.92
CA LEU E 264 25.85 -7.40 3.87
CA THR E 265 29.21 -5.74 4.13
CA GLY E 266 30.75 -6.41 7.52
CA ALA E 267 29.61 -10.03 7.40
CA THR E 268 31.68 -13.13 6.82
CA GLU E 269 31.20 -14.86 3.50
CA ILE E 270 31.02 -18.59 2.81
CA GLN E 271 31.22 -20.98 -0.10
CA MET E 272 28.12 -23.16 -0.07
CA SER E 273 27.85 -25.45 -3.10
CA SER E 274 28.22 -29.02 -1.80
CA GLY E 275 25.74 -29.12 1.07
CA ASN E 276 27.82 -26.78 3.20
CA LEU E 277 31.52 -25.97 3.55
CA LEU E 278 31.38 -23.57 6.50
CA PHE E 279 34.46 -21.51 7.38
CA THR E 280 35.78 -18.83 9.69
CA GLY E 281 34.62 -19.23 13.34
CA HIS E 282 36.23 -20.65 16.43
CA LEU E 283 35.78 -23.48 18.89
CA LYS E 284 37.11 -24.49 22.28
CA CYS E 285 38.89 -27.75 23.07
CA ARG E 286 40.03 -29.11 26.36
CA LEU E 287 43.03 -31.29 25.67
CA ARG E 288 44.14 -34.39 27.54
CA MET E 289 47.52 -35.87 26.76
CA ASP E 290 48.46 -38.81 28.98
CA LYS E 291 48.66 -41.57 26.48
CA LEU E 292 51.77 -40.14 24.73
CA GLN E 293 55.28 -41.40 24.23
CA LEU E 294 58.01 -39.23 22.73
CA LYS E 295 58.34 -41.45 19.61
CA GLY E 296 60.83 -43.53 21.50
CA MET E 297 63.42 -42.49 24.00
CA SER E 298 64.80 -45.89 23.45
CA TYR E 299 67.80 -44.92 21.30
CA SER E 300 71.31 -43.48 21.21
CA MET E 301 72.97 -40.14 20.68
CA CYS E 302 74.01 -40.52 17.07
CA THR E 303 77.45 -40.96 15.52
CA GLY E 304 78.07 -37.81 13.51
CA LYS E 305 78.61 -36.25 10.08
CA PHE E 306 75.33 -34.51 9.46
CA LYS E 307 74.75 -32.19 6.53
CA VAL E 308 72.46 -29.21 5.98
CA VAL E 309 70.42 -29.23 2.75
CA LYS E 310 68.34 -26.14 3.45
CA GLU E 311 68.86 -22.54 4.59
CA ILE E 312 68.70 -20.76 7.96
CA ALA E 313 64.97 -20.08 7.49
CA GLU E 314 63.69 -17.79 10.22
CA THR E 315 59.92 -17.73 10.58
CA GLN E 316 57.89 -15.36 12.70
CA HIS E 317 59.69 -14.43 15.98
CA GLY E 318 62.21 -17.12 16.71
CA THR E 319 60.74 -20.35 15.32
CA ILE E 320 63.75 -21.01 13.00
CA VAL E 321 63.90 -24.26 11.03
CA ILE E 322 66.94 -26.25 9.86
CA ARG E 323 66.74 -29.29 7.62
CA VAL E 324 69.64 -31.66 8.17
CA GLN E 325 70.60 -34.73 6.20
CA TYR E 326 72.20 -37.47 8.25
CA GLU E 327 75.12 -39.24 6.63
CA GLY E 328 76.48 -42.43 8.08
CA ASP E 329 75.35 -45.74 9.53
CA GLY E 330 72.69 -44.38 11.91
CA SER E 331 70.28 -47.32 12.46
CA PRO E 332 67.91 -44.59 13.24
CA CYS E 333 69.13 -42.58 16.23
CA LYS E 334 68.42 -39.27 17.90
CA ILE E 335 69.85 -35.95 16.76
CA PRO E 336 72.15 -34.20 19.26
CA PHE E 337 70.62 -30.77 18.78
CA GLU E 338 71.69 -27.89 21.00
CA ILE E 339 71.36 -24.11 21.01
CA MET E 340 74.41 -22.80 22.78
CA ASP E 341 75.96 -19.47 23.57
CA LEU E 342 79.68 -18.81 22.98
CA GLU E 343 82.68 -20.31 24.85
CA LYS E 344 82.45 -20.99 28.65
CA ARG E 345 79.17 -22.70 27.74
CA HIS E 346 75.92 -21.12 28.82
CA VAL E 347 73.40 -23.20 26.82
CA LEU E 348 70.16 -21.23 26.52
CA GLY E 349 67.55 -21.82 23.86
CA ARG E 350 64.59 -24.07 23.37
CA LEU E 351 63.91 -26.89 20.93
CA ILE E 352 60.41 -27.26 19.61
CA THR E 353 60.76 -30.70 18.00
CA VAL E 354 61.32 -32.45 21.27
CA ASN E 355 63.36 -35.63 20.73
CA PRO E 356 63.92 -35.23 16.97
CA ILE E 357 64.72 -38.47 15.23
CA VAL E 358 66.30 -39.69 12.02
CA THR E 359 64.22 -41.99 9.80
CA GLU E 360 65.49 -45.24 8.16
CA LYS E 361 68.37 -43.86 6.09
CA ASP E 362 69.10 -40.70 4.07
CA SER E 363 65.95 -38.61 4.40
CA PRO E 364 66.18 -34.89 5.09
CA VAL E 365 64.85 -34.57 8.62
CA ASN E 366 64.00 -31.05 9.77
CA ILE E 367 64.08 -29.35 13.14
CA GLU E 368 62.57 -26.14 14.48
CA ALA E 369 63.80 -24.28 17.52
CA GLU E 370 63.83 -20.87 19.20
CA PRO E 371 67.10 -19.06 19.92
CA PRO E 372 67.41 -16.06 22.25
CA PHE E 373 67.10 -12.48 21.06
CA GLY E 374 70.70 -12.06 19.85
CA ASP E 375 73.79 -14.08 18.99
CA SER E 376 73.45 -17.86 19.05
CA TYR E 377 75.41 -20.93 17.97
CA ILE E 378 73.14 -23.74 16.81
CA ILE E 379 75.13 -26.98 16.98
CA ILE E 380 74.19 -30.51 15.90
CA GLY E 381 77.36 -32.64 15.73
CA VAL E 382 79.14 -34.44 18.55
CA GLU E 383 82.44 -36.26 18.43
CA PRO E 384 84.49 -34.17 15.98
CA GLY E 385 82.09 -31.36 17.06
CA GLN E 386 80.77 -31.84 13.57
CA LEU E 387 78.78 -28.73 12.74
CA LYS E 388 78.08 -25.34 14.27
CA LEU E 389 76.08 -22.56 12.67
CA SER E 390 76.01 -18.92 13.66
CA TRP E 391 72.68 -17.16 13.89
CA PHE E 392 71.56 -13.73 15.01
CA LYS E 393 67.94 -13.34 16.05
CA LYS E 394 67.57 -9.56 15.86
CA GLY E 395 64.66 -9.25 18.25
CA SER E 396 64.45 -7.86 21.77
CA SER E 397 63.17 -8.99 25.13
CA ILE E 398 61.04 -5.88 25.59
CA GLY E 399 59.82 -5.92 21.99
CA GLN E 400 58.87 -9.58 22.36
CA MET E 401 56.92 -8.80 25.53
CA PHE E 402 55.20 -5.86 23.83
CA GLU E 403 54.23 -7.96 20.82
CA THR E 404 52.90 -10.63 23.18
CA THR E 405 50.89 -7.87 24.87
CA MET E 406 49.50 -6.90 21.47
CA ARG E 407 48.52 -10.54 20.88
CA GLY E 408 46.79 -10.48 24.25
CA ALA E 409 44.99 -7.28 23.29
CA LYS E 410 43.82 -8.90 20.06
CA ARG E 411 42.59 -11.81 22.18
CA MET E 412 40.79 -9.32 24.44
CA ALA E 413 39.44 -8.29 21.05
CA ILE E 414 37.90 -10.56 18.48
CA LEU E 415 37.66 -13.88 20.33
CA GLY E 416 35.62 -13.31 23.47
CA ASP E 417 35.79 -14.85 26.92
CA THR E 418 37.00 -18.01 25.23
CA ALA E 419 40.30 -16.10 25.07
CA TRP E 420 40.20 -16.00 28.83
CA ASP E 421 39.84 -19.74 28.42
CA PHE E 422 42.76 -19.70 25.93
CA GLY E 423 45.33 -20.35 28.63
CA SER E 424 45.07 -23.23 31.07
CA LEU E 425 45.68 -24.42 34.64
CA GLY E 426 44.77 -21.04 36.08
CA GLY E 427 42.60 -22.11 38.97
CA VAL E 428 41.51 -18.99 40.82
CA PHE E 429 42.83 -16.09 38.77
CA THR E 430 41.99 -17.26 35.26
CA SER E 431 38.47 -18.36 36.21
CA ILE E 432 37.69 -15.17 38.09
CA GLY E 433 39.07 -13.15 35.19
CA LYS E 434 36.83 -15.05 32.78
CA ALA E 435 33.76 -14.48 34.96
CA LEU E 436 34.59 -10.80 35.51
CA HIS E 437 35.17 -10.17 31.81
CA GLN E 438 32.02 -12.21 31.12
CA VAL E 439 29.79 -9.90 33.12
CA PHE E 440 31.77 -6.83 31.98
CA GLY E 441 31.48 -7.61 28.29
CA ALA E 442 27.85 -8.48 28.86
CA ILE E 443 27.35 -4.95 30.17
CA TYR E 444 29.22 -3.72 27.11
CA GLY E 445 27.38 -6.27 24.98
CA ALA E 446 24.33 -5.42 22.83
CA ALA E 447 24.33 -2.93 25.37
CA PHE E 448 26.31 -0.37 23.29
CA SER E 449 26.85 -2.33 20.10
CA GLY E 450 25.59 -2.05 16.54
CA VAL E 451 27.82 0.95 15.90
CA SER E 452 30.33 1.44 13.12
CA TRP E 453 34.07 2.20 13.08
CA THR E 454 33.75 6.00 12.89
CA MET E 455 30.99 6.34 15.47
CA LYS E 456 32.78 4.01 17.86
CA ILE E 457 36.00 6.02 17.77
CA LEU E 458 33.99 9.24 18.08
CA ILE E 459 32.00 8.00 21.08
CA GLY E 460 35.36 6.89 22.47
CA VAL E 461 36.92 10.32 22.22
CA VAL E 462 33.88 12.08 23.67
CA ILE E 463 33.66 9.69 26.60
CA THR E 464 37.40 9.95 27.19
CA TRP E 465 37.09 13.74 27.25
CA ILE E 466 34.23 13.60 29.76
CA GLY E 467 36.42 11.28 31.77
CA MET E 468 39.31 13.73 31.44
CA ASN E 469 37.13 16.43 33.05
CA SER E 470 38.09 14.77 36.35
CA ARG E 471 35.34 14.69 38.99
CA SER E 472 35.93 12.88 42.30
CA THR E 473 38.27 10.15 40.89
CA SER E 474 35.55 8.52 38.80
CA LEU E 475 37.95 9.46 36.01
CA SER E 476 39.70 6.09 36.22
CA VAL E 477 36.74 3.70 35.67
CA SER E 478 35.63 6.40 33.28
CA LEU E 479 38.50 7.82 31.18
CA VAL E 480 41.39 5.34 31.33
CA LEU E 481 39.49 2.04 31.29
CA VAL E 482 36.85 3.18 28.82
CA GLY E 483 39.29 5.04 26.57
CA VAL E 484 41.63 2.04 26.35
CA VAL E 485 38.82 -0.42 25.62
CA THR E 486 37.05 1.86 23.13
CA LEU E 487 40.12 2.90 21.15
CA TYR E 488 41.85 -0.50 21.15
CA LEU E 489 38.54 -2.04 20.18
CA GLY E 490 37.57 0.52 17.53
CA VAL E 491 40.81 0.52 15.61
CA MET E 492 40.86 -3.29 15.57
CA VAL E 493 37.25 -4.05 14.55
CA GLN E 494 35.72 -4.16 11.05
CA ALA E 495 38.43 -6.54 9.95
CA SER F 1 15.88 -0.26 0.48
CA VAL F 2 18.81 -2.44 1.50
CA ALA F 3 20.95 0.52 0.55
CA LEU F 4 21.35 0.99 4.29
CA VAL F 5 21.27 -0.93 7.56
CA PRO F 6 24.62 -2.28 6.31
CA HIS F 7 25.15 -5.04 8.94
CA VAL F 8 27.96 -3.33 10.80
CA GLY F 9 28.21 -3.70 14.56
CA MET F 10 26.01 -6.78 14.81
CA GLY F 11 28.83 -8.89 16.18
CA LEU F 12 29.62 -12.27 14.67
CA GLU F 13 33.20 -11.44 13.75
CA THR F 14 36.05 -13.85 13.16
CA ARG F 15 39.77 -13.78 12.51
CA THR F 16 39.23 -13.33 8.78
CA GLU F 17 38.15 -10.31 6.77
CA THR F 18 34.44 -10.24 6.31
CA TRP F 19 33.10 -8.87 3.03
CA MET F 20 34.48 -5.56 1.80
CA SER F 21 37.76 -5.84 3.77
CA SER F 22 38.14 -2.32 5.22
CA GLU F 23 36.79 -0.68 2.06
CA GLY F 24 33.35 0.22 3.39
CA ALA F 25 34.83 2.38 6.15
CA TRP F 26 36.89 4.44 3.72
CA LYS F 27 33.82 4.43 1.43
CA HIS F 28 31.76 6.08 4.17
CA ALA F 29 34.44 8.61 5.08
CA GLN F 30 35.24 9.56 1.48
CA ARG F 31 31.62 10.04 0.50
CA ILE F 32 30.89 12.31 3.47
CA GLU F 33 34.06 14.27 2.74
CA THR F 34 33.02 14.55 -0.91
CA TRP F 35 29.56 15.76 0.08
CA ILE F 36 31.11 18.38 2.39
CA LEU F 37 33.35 19.47 -0.49
CA ARG F 38 30.42 19.87 -2.87
CA HIS F 39 28.14 21.83 -0.50
CA PRO F 40 30.19 24.35 1.48
CA GLY F 41 27.25 26.57 2.41
CA PHE F 42 25.67 23.98 4.66
CA THR F 43 29.06 23.50 6.34
CA ILE F 44 29.20 27.24 7.02
CA MET F 45 25.63 27.13 8.34
CA ALA F 46 26.53 24.24 10.64
CA ALA F 47 29.59 26.14 11.86
CA ILE F 48 27.45 29.18 12.67
CA LEU F 49 24.96 27.00 14.54
CA ALA F 50 27.81 25.37 16.45
CA TYR F 51 29.10 28.80 17.42
CA THR F 52 25.65 29.99 18.52
CA ILE F 53 24.25 27.06 20.52
CA GLY F 54 26.41 25.24 23.03
CA THR F 55 29.15 27.93 23.36
CA THR F 56 31.50 25.77 25.36
CA TYR F 57 34.21 24.80 22.86
CA PHE F 58 33.94 21.03 23.17
CA GLN F 59 30.17 21.14 22.69
CA ARG F 60 30.72 23.33 19.62
CA VAL F 61 33.15 20.86 18.03
CA LEU F 62 30.86 17.93 18.87
CA ILE F 63 27.73 19.34 17.31
CA PHE F 64 29.65 20.63 14.32
CA ILE F 65 31.06 17.22 13.46
CA LEU F 66 27.59 15.78 14.07
CA LEU F 67 25.87 18.24 11.72
CA THR F 68 28.47 17.35 9.13
CA ALA F 69 27.52 13.72 9.70
CA VAL F 70 23.72 14.19 9.76
CA THR F 71 23.47 13.89 5.98
CA PRO F 72 21.75 10.70 4.74
CA MET G 1 -11.61 24.67 -21.81
CA ARG G 2 -9.01 21.87 -21.98
CA CYS G 3 -8.42 23.20 -18.47
CA ILE G 4 -11.33 22.14 -16.28
CA GLY G 5 -10.69 19.84 -13.35
CA ILE G 6 -6.91 19.98 -13.82
CA SER G 7 -6.80 21.87 -10.48
CA ASN G 8 -3.96 24.12 -9.31
CA ARG G 9 -5.01 26.40 -12.20
CA ASP G 10 -3.53 29.76 -12.25
CA PHE G 11 -6.19 32.45 -12.77
CA VAL G 12 -4.71 35.64 -14.24
CA GLU G 13 -6.42 39.05 -14.14
CA GLY G 14 -5.34 42.27 -15.82
CA VAL G 15 -3.87 43.12 -19.22
CA SER G 16 -2.78 46.72 -18.46
CA GLY G 17 0.46 48.08 -19.86
CA GLY G 18 -1.34 47.94 -23.16
CA SER G 19 -1.41 44.21 -23.79
CA TRP G 20 1.54 42.46 -22.17
CA VAL G 21 0.84 39.96 -19.39
CA ASP G 22 3.63 37.86 -17.89
CA ILE G 23 2.69 34.19 -17.51
CA VAL G 24 4.79 31.38 -16.06
CA LEU G 25 3.42 28.02 -17.12
CA GLU G 26 4.53 24.44 -16.59
CA HIS G 27 3.67 20.89 -17.61
CA GLY G 28 1.63 20.14 -14.51
CA SER G 29 -0.77 23.07 -14.40
CA CYS G 30 -2.25 25.43 -16.97
CA VAL G 31 -3.12 29.12 -16.99
CA THR G 32 -6.45 30.88 -17.59
CA THR G 33 -6.21 34.58 -18.42
CA MET G 34 -8.79 37.37 -18.30
CA ALA G 35 -9.18 40.98 -19.37
CA LYS G 36 -11.92 43.60 -19.70
CA ASN G 37 -12.20 42.56 -23.36
CA LYS G 38 -10.21 40.11 -25.49
CA PRO G 39 -11.78 36.84 -24.48
CA THR G 40 -10.39 34.35 -22.04
CA LEU G 41 -7.60 32.12 -23.30
CA ASP G 42 -6.32 28.88 -21.81
CA PHE G 43 -2.60 28.11 -21.79
CA GLU G 44 -1.86 24.43 -21.34
CA LEU G 45 1.73 23.25 -21.69
CA ILE G 46 2.37 19.91 -23.36
CA LYS G 47 5.52 17.98 -24.27
CA THR G 48 9.02 19.44 -24.47
CA GLU G 49 11.32 17.90 -27.10
CA ALA G 50 15.09 18.29 -26.96
CA LYS G 51 16.02 17.18 -30.45
CA HIS G 52 19.78 16.60 -30.61
CA PRO G 53 21.49 15.26 -27.49
CA ALA G 54 25.16 14.34 -27.14
CA THR G 55 26.29 11.31 -25.16
CA LEU G 56 28.39 12.12 -22.09
CA ARG G 57 29.04 9.07 -20.16
CA LYS G 58 28.71 5.33 -19.86
CA TYR G 59 28.39 3.71 -16.47
CA CYS G 60 28.41 -0.06 -16.29
CA VAL G 61 25.83 -1.58 -13.97
CA GLU G 62 26.43 -5.32 -14.27
CA ALA G 63 29.77 -6.85 -15.18
CA LYS G 64 31.32 -10.27 -15.55
CA LEU G 65 34.87 -11.54 -15.23
CA THR G 66 37.00 -13.96 -17.22
CA ASN G 67 40.53 -15.32 -17.76
CA THR G 68 41.31 -14.74 -14.05
CA THR G 69 45.10 -14.62 -13.88
CA THR G 70 47.13 -14.10 -10.71
CA ALA G 71 50.74 -14.32 -9.57
CA SER G 72 53.05 -13.98 -6.61
CA ARG G 73 56.80 -13.66 -6.56
CA CYS G 74 58.62 -14.51 -3.34
CA PRO G 75 59.12 -13.29 0.24
CA THR G 76 60.39 -9.70 -0.17
CA GLN G 77 62.48 -10.27 -3.22
CA GLY G 78 60.31 -9.29 -6.09
CA GLU G 79 56.94 -7.65 -6.20
CA PRO G 80 54.91 -9.66 -8.66
CA SER G 81 54.31 -8.82 -12.27
CA LEU G 82 52.01 -10.29 -14.87
CA ASN G 83 51.96 -9.69 -18.60
CA GLU G 84 48.18 -9.22 -18.74
CA GLU G 85 48.45 -6.24 -16.40
CA GLN G 86 49.45 -4.44 -19.62
CA ASP G 87 45.86 -3.83 -20.69
CA LYS G 88 43.74 -1.44 -18.67
CA ARG G 89 40.82 -3.66 -19.72
CA PHE G 90 42.07 -6.03 -17.02
CA VAL G 91 41.48 -5.07 -13.41
CA CYS G 92 44.48 -5.71 -11.16
CA LYS G 93 45.38 -5.53 -7.50
CA HIS G 94 48.46 -6.10 -5.38
CA SER G 95 48.22 -7.70 -1.94
CA MET G 96 50.48 -9.56 0.47
CA VAL G 97 49.72 -13.08 1.60
CA ASP G 98 52.46 -15.38 3.06
CA ARG G 99 54.98 -17.79 1.55
CA GLY G 100 57.15 -20.59 2.85
CA TRP G 101 58.64 -23.96 2.01
CA GLY G 102 55.18 -25.46 2.09
CA ASN G 103 54.38 -23.08 -0.72
CA GLY G 104 57.81 -24.01 -1.97
CA CYS G 105 59.78 -20.79 -2.35
CA GLY G 106 61.89 -20.18 0.73
CA LEU G 107 62.86 -17.51 3.29
CA PHE G 108 59.41 -17.72 5.00
CA GLY G 109 57.96 -14.28 4.62
CA LYS G 110 54.83 -12.35 3.84
CA GLY G 111 55.33 -12.09 0.11
CA GLY G 112 53.38 -10.00 -2.34
CA ILE G 113 50.79 -11.28 -4.79
CA VAL G 114 48.76 -9.87 -7.68
CA THR G 115 45.43 -10.74 -9.17
CA CYS G 116 43.94 -9.85 -12.55
CA ALA G 117 40.62 -10.22 -14.34
CA MET G 118 39.19 -9.27 -17.72
CA PHE G 119 36.29 -6.86 -17.45
CA THR G 120 33.22 -7.36 -19.66
CA CYS G 121 30.11 -5.21 -19.29
CA LYS G 122 26.35 -5.75 -19.30
CA LYS G 123 23.66 -3.10 -19.84
CA ASN G 124 24.68 0.45 -19.07
CA MET G 125 23.63 3.97 -18.14
CA GLU G 126 23.75 5.98 -21.35
CA GLY G 127 23.88 9.54 -19.91
CA LYS G 128 23.42 12.38 -22.38
CA VAL G 129 23.42 16.18 -22.32
CA VAL G 130 21.57 18.78 -24.35
CA GLN G 131 22.51 22.33 -25.20
CA PRO G 132 20.01 25.16 -24.62
CA GLU G 133 19.05 24.95 -28.25
CA ASN G 134 17.71 22.04 -30.31
CA LEU G 135 14.72 21.98 -27.98
CA GLU G 136 11.15 23.03 -28.50
CA TYR G 137 8.25 23.66 -26.19
CA THR G 138 4.82 22.88 -27.58
CA ILE G 139 2.03 25.03 -26.19
CA VAL G 140 -1.64 24.50 -26.91
CA ILE G 141 -3.46 27.79 -26.47
CA THR G 142 -7.14 27.28 -26.54
CA PRO G 143 -10.10 29.65 -26.30
CA HIS G 144 -13.37 29.37 -24.43
CA SER G 145 -16.87 30.15 -25.76
CA GLY G 146 -18.71 27.07 -26.69
CA GLU G 147 -17.92 24.20 -29.03
CA GLU G 148 -19.13 21.07 -27.22
CA ASN G 149 -17.10 17.97 -27.28
CA ALA G 150 -15.72 18.33 -23.89
CA VAL G 151 -14.31 21.21 -21.83
CA GLY G 152 -11.50 18.68 -21.30
CA ASN G 153 -10.08 16.57 -24.22
CA ASP G 154 -6.64 18.09 -24.79
CA THR G 155 -6.59 15.60 -27.66
CA GLY G 156 -8.44 17.30 -30.48
CA LYS G 157 -8.08 20.24 -32.85
CA HIS G 158 -9.65 23.34 -31.34
CA GLY G 159 -6.61 24.90 -29.71
CA LYS G 160 -3.58 25.51 -31.88
CA GLU G 161 -0.44 23.51 -31.14
CA ILE G 162 2.17 26.26 -31.50
CA LYS G 163 5.86 25.42 -31.20
CA VAL G 164 8.53 27.65 -29.70
CA THR G 165 12.32 27.33 -29.60
CA PRO G 166 15.09 29.65 -28.37
CA GLN G 167 16.04 30.00 -32.03
CA SER G 168 12.62 31.62 -32.39
CA SER G 169 10.85 34.72 -31.30
CA ILE G 170 7.53 36.53 -30.69
CA THR G 171 5.48 33.34 -31.45
CA GLU G 172 2.63 34.52 -33.68
CA ALA G 173 -0.36 32.18 -33.42
CA GLU G 174 -3.67 32.33 -35.27
CA LEU G 175 -7.06 31.02 -34.21
CA THR G 176 -10.52 30.98 -35.69
CA GLY G 177 -11.00 34.62 -36.56
CA TYR G 178 -10.08 36.74 -33.57
CA GLY G 179 -7.16 34.82 -32.15
CA THR G 180 -4.02 36.48 -33.42
CA VAL G 181 -1.98 36.08 -30.24
CA THR G 182 1.72 36.83 -29.91
CA MET G 183 3.77 34.93 -27.33
CA GLU G 184 7.31 35.87 -26.46
CA CYS G 185 8.86 32.98 -24.60
CA SER G 186 12.11 33.14 -22.64
CA PRO G 187 13.15 29.48 -22.65
CA ARG G 188 16.70 30.20 -21.49
CA THR G 189 15.42 31.24 -18.06
CA GLY G 190 13.63 27.89 -17.77
CA LEU G 191 15.23 24.70 -16.48
CA ASP G 192 18.74 26.26 -16.92
CA PHE G 193 20.34 23.62 -19.10
CA ASN G 194 24.11 22.99 -19.29
CA GLU G 195 23.42 21.87 -15.75
CA MET G 196 21.29 18.91 -16.80
CA VAL G 197 21.98 15.30 -17.64
CA LEU G 198 19.37 13.05 -19.17
CA LEU G 199 20.05 9.55 -17.88
CA GLN G 200 18.84 6.50 -19.77
CA MET G 201 18.63 3.07 -18.19
CA GLU G 202 17.19 0.03 -20.03
CA ASN G 203 13.78 1.59 -20.54
CA LYS G 204 13.52 4.75 -18.48
CA ALA G 205 15.27 8.07 -18.16
CA TRP G 206 15.78 10.67 -15.46
CA LEU G 207 16.79 14.30 -15.30
CA VAL G 208 19.64 14.77 -12.83
CA HIS G 209 22.01 17.66 -12.51
CA ARG G 210 25.50 17.51 -13.80
CA GLN G 211 27.86 17.66 -10.82
CA TRP G 212 26.08 14.79 -9.07
CA PHE G 213 26.19 12.69 -12.21
CA LEU G 214 29.91 13.31 -12.70
CA ASP G 215 30.53 12.68 -9.01
CA LEU G 216 28.72 9.33 -9.01
CA PRO G 217 30.65 5.99 -8.73
CA LEU G 218 29.98 2.81 -10.82
CA PRO G 219 32.75 2.97 -13.36
CA TRP G 220 33.43 5.95 -15.58
CA LEU G 221 33.66 5.71 -19.34
CA PRO G 222 33.71 8.64 -21.78
CA GLY G 223 31.55 9.07 -24.85
CA ALA G 224 34.10 7.96 -27.43
CA ASP G 225 34.22 4.26 -26.50
CA THR G 226 33.01 2.28 -29.32
CA GLN G 227 36.04 0.00 -29.53
CA GLY G 228 37.54 0.71 -26.18
CA SER G 229 35.91 -0.72 -23.04
CA ASN G 230 38.45 1.43 -21.17
CA TRP G 231 36.66 1.81 -17.82
CA ILE G 232 38.91 4.01 -15.66
CA GLN G 233 37.54 3.01 -12.21
CA LYS G 234 36.53 -0.41 -10.78
CA GLU G 235 37.50 0.10 -7.19
CA THR G 236 33.81 0.88 -6.67
CA LEU G 237 32.77 -2.28 -8.50
CA VAL G 238 34.48 -5.68 -8.50
CA THR G 239 35.73 -6.68 -5.06
CA PHE G 240 38.57 -9.04 -4.19
CA LYS G 241 38.18 -11.63 -1.47
CA ASN G 242 41.22 -12.27 0.66
CA PRO G 243 40.85 -14.94 3.32
CA HIS G 244 43.17 -15.26 6.33
CA ALA G 245 46.46 -16.03 4.60
CA LYS G 246 46.34 -17.71 1.23
CA LYS G 247 45.15 -17.13 -2.37
CA GLN G 248 42.95 -14.12 -3.13
CA ASP G 249 40.09 -14.12 -5.60
CA VAL G 250 37.80 -11.96 -7.74
CA VAL G 251 34.12 -11.18 -7.12
CA VAL G 252 31.64 -9.41 -9.37
CA LEU G 253 29.63 -7.04 -7.23
CA GLY G 254 26.39 -7.62 -9.15
CA SER G 255 23.82 -5.38 -10.78
CA GLN G 256 23.34 -2.04 -9.07
CA GLU G 257 20.12 -1.13 -10.87
CA GLY G 258 18.14 -1.08 -7.63
CA ALA G 259 20.84 0.88 -5.88
CA MET G 260 20.88 3.20 -8.88
CA HIS G 261 17.14 3.83 -8.54
CA THR G 262 17.53 4.42 -4.81
CA ALA G 263 20.25 6.91 -5.72
CA LEU G 264 18.14 8.80 -8.19
CA THR G 265 15.18 9.20 -5.89
CA GLY G 266 14.23 12.84 -5.59
CA ALA G 267 14.75 13.35 -9.32
CA THR G 268 12.14 13.78 -12.01
CA GLU G 269 11.71 10.90 -14.41
CA ILE G 270 11.18 11.03 -18.15
CA GLN G 271 10.05 8.79 -20.97
CA MET G 272 12.73 8.81 -23.67
CA SER G 273 12.06 6.36 -26.49
CA SER G 274 11.39 8.46 -29.62
CA GLY G 275 14.31 10.87 -29.65
CA ASN G 276 13.07 12.72 -26.59
CA LEU G 277 9.68 13.43 -25.03
CA LEU G 278 10.75 15.73 -22.18
CA PHE G 279 8.25 16.60 -19.45
CA THR G 280 7.82 18.44 -16.17
CA GLY G 281 9.57 21.87 -16.09
CA HIS G 282 8.38 25.40 -16.56
CA LEU G 283 8.83 28.33 -18.90
CA LYS G 284 8.02 32.02 -18.97
CA CYS G 285 5.95 33.76 -21.62
CA ARG G 286 5.24 37.41 -22.09
CA LEU G 287 1.87 37.69 -23.74
CA ARG G 288 0.65 40.34 -26.16
CA MET G 289 -2.99 40.43 -27.07
CA ASP G 290 -3.95 43.36 -29.30
CA LYS G 291 -5.05 41.59 -32.39
CA LEU G 292 -8.17 40.06 -30.75
CA GLN G 293 -11.86 40.39 -31.39
CA LEU G 294 -14.46 38.88 -29.06
CA LYS G 295 -15.71 36.42 -31.73
CA GLY G 296 -18.09 39.08 -32.89
CA MET G 297 -19.97 41.64 -30.92
CA SER G 298 -21.95 42.08 -34.03
CA TYR G 299 -25.12 40.25 -32.93
CA SER G 300 -28.30 40.39 -30.88
CA MET G 301 -29.48 39.40 -27.45
CA CYS G 302 -31.24 36.15 -28.31
CA THR G 303 -34.94 35.28 -28.35
CA GLY G 304 -35.43 32.74 -25.58
CA LYS G 305 -36.36 29.18 -24.63
CA PHE G 306 -33.01 27.70 -23.70
CA LYS G 307 -32.65 24.27 -22.13
CA VAL G 308 -30.06 22.73 -19.82
CA VAL G 309 -28.70 19.33 -20.84
CA LYS G 310 -26.04 19.19 -18.15
CA GLU G 311 -25.80 19.39 -14.35
CA ILE G 312 -24.72 22.21 -12.03
CA ALA G 313 -21.08 21.04 -12.17
CA GLU G 314 -18.96 22.97 -9.69
CA THR G 315 -15.24 22.74 -10.30
CA GLN G 316 -12.50 23.95 -8.00
CA HIS G 317 -13.48 27.17 -6.14
CA GLY G 318 -16.20 28.85 -8.10
CA THR G 319 -15.55 28.01 -11.76
CA ILE G 320 -19.01 26.37 -12.26
CA VAL G 321 -20.04 25.21 -15.73
CA ILE G 322 -23.51 24.98 -17.28
CA ARG G 323 -24.22 23.46 -20.67
CA VAL G 324 -27.29 24.96 -22.29
CA GLN G 325 -29.08 23.88 -25.45
CA TYR G 326 -30.68 26.71 -27.37
CA GLU G 327 -34.08 25.98 -28.84
CA GLY G 328 -35.64 28.29 -31.36
CA ASP G 329 -34.77 30.25 -34.49
CA GLY G 330 -31.53 31.82 -33.25
CA SER G 331 -29.56 32.65 -36.44
CA PRO G 332 -26.69 32.43 -34.11
CA CYS G 333 -26.98 35.05 -31.38
CA LYS G 334 -25.46 35.82 -28.01
CA ILE G 335 -26.55 34.22 -24.75
CA PRO G 336 -28.03 36.58 -22.15
CA PHE G 337 -26.11 35.13 -19.23
CA GLU G 338 -26.26 36.81 -15.83
CA ILE G 339 -25.36 35.93 -12.26
CA MET G 340 -27.78 37.81 -10.07
CA ASP G 341 -28.60 38.08 -6.42
CA LEU G 342 -32.21 37.92 -5.18
CA GLU G 343 -35.01 40.52 -5.69
CA LYS G 344 -34.17 44.30 -5.67
CA ARG G 345 -31.44 43.28 -8.13
CA HIS G 346 -27.83 43.48 -7.02
CA VAL G 347 -26.09 41.63 -9.88
CA LEU G 348 -22.70 40.42 -8.67
CA GLY G 349 -20.76 37.58 -10.24
CA ARG G 350 -18.34 37.17 -13.08
CA LEU G 351 -18.58 35.32 -16.38
CA ILE G 352 -15.49 33.59 -17.67
CA THR G 353 -16.67 32.86 -21.21
CA VAL G 354 -16.88 36.49 -22.17
CA ASN G 355 -19.46 36.97 -24.95
CA PRO G 356 -20.64 33.35 -25.16
CA ILE G 357 -22.25 32.52 -28.47
CA VAL G 358 -24.59 29.92 -29.95
CA THR G 359 -23.35 27.99 -32.98
CA GLU G 360 -25.41 27.32 -36.17
CA LYS G 361 -28.37 25.45 -34.68
CA ASP G 362 -28.97 22.92 -31.88
CA SER G 363 -25.51 22.29 -30.42
CA PRO G 364 -25.03 22.18 -26.65
CA VAL G 365 -23.03 25.31 -25.94
CA ASN G 366 -21.44 25.51 -22.49
CA ILE G 367 -20.60 28.39 -20.20
CA GLU G 368 -18.39 28.75 -17.15
CA ALA G 369 -18.71 31.44 -14.54
CA GLU G 370 -17.89 32.32 -10.93
CA PRO G 371 -20.65 33.11 -8.42
CA PRO G 372 -20.02 34.76 -5.03
CA PHE G 373 -19.40 32.75 -1.87
CA GLY G 374 -23.05 32.05 -1.01
CA ASP G 375 -26.53 32.15 -2.52
CA SER G 376 -26.78 32.98 -6.21
CA TYR G 377 -29.35 32.92 -9.00
CA ILE G 378 -27.81 32.07 -12.36
CA ILE G 379 -30.21 33.26 -15.06
CA ILE G 380 -30.06 32.85 -18.84
CA GLY G 381 -33.49 33.64 -20.32
CA VAL G 382 -34.98 37.02 -21.16
CA GLU G 383 -38.49 37.81 -22.31
CA PRO G 384 -40.61 35.30 -20.37
CA GLY G 385 -37.65 35.35 -17.92
CA GLN G 386 -37.10 31.89 -19.30
CA LEU G 387 -34.83 30.11 -16.85
CA LYS G 388 -33.35 30.73 -13.42
CA LEU G 389 -31.27 28.27 -11.44
CA SER G 390 -30.44 28.41 -7.76
CA TRP G 391 -26.88 27.74 -6.67
CA PHE G 392 -25.06 27.90 -3.36
CA LYS G 393 -21.29 28.26 -3.48
CA LYS G 394 -20.38 27.18 0.04
CA GLY G 395 -17.05 28.98 0.23
CA SER G 396 -15.98 32.02 2.20
CA SER G 397 -14.28 35.31 1.50
CA ILE G 398 -11.63 34.74 4.18
CA GLY G 399 -11.14 31.11 3.22
CA GLN G 400 -10.72 32.12 -0.41
CA MET G 401 -8.10 34.71 0.56
CA PHE G 402 -6.30 32.16 2.74
CA GLU G 403 -6.26 29.57 -0.05
CA THR G 404 -4.94 32.23 -2.43
CA THR G 405 -2.25 32.95 0.17
CA MET G 406 -1.39 29.24 0.19
CA ARG G 407 -1.11 29.33 -3.61
CA GLY G 408 1.21 32.30 -3.25
CA ALA G 409 3.27 30.40 -0.70
CA LYS G 410 3.55 27.46 -3.09
CA ARG G 411 4.68 29.95 -5.73
CA MET G 412 7.25 31.32 -3.25
CA ALA G 413 8.07 27.61 -3.16
CA ILE G 414 8.72 25.40 -6.13
CA LEU G 415 8.79 27.88 -9.03
CA GLY G 416 11.45 30.46 -8.27
CA ASP G 417 11.71 34.17 -9.07
CA THR G 418 9.70 33.42 -12.20
CA ALA G 419 6.78 33.34 -9.76
CA TRP G 420 7.61 36.92 -8.97
CA ASP G 421 7.29 37.30 -12.70
CA PHE G 422 3.99 35.33 -12.59
CA GLY G 423 1.91 38.47 -12.20
CA SER G 424 2.17 41.42 -14.56
CA LEU G 425 2.08 45.22 -14.91
CA GLY G 426 3.75 45.71 -11.57
CA GLY G 427 6.23 48.41 -12.47
CA VAL G 428 8.13 49.33 -9.32
CA PHE G 429 6.92 46.93 -6.65
CA THR G 430 6.89 43.66 -8.61
CA SER G 431 10.30 44.28 -10.17
CA ILE G 432 11.91 45.29 -6.88
CA GLY G 433 10.35 42.24 -5.23
CA LYS G 434 11.76 40.01 -7.95
CA ALA G 435 15.24 41.51 -7.57
CA LEU G 436 15.12 41.36 -3.78
CA HIS G 437 13.96 37.75 -3.76
CA GLN G 438 16.56 37.05 -6.46
CA VAL G 439 19.46 38.13 -4.27
CA PHE G 440 17.80 36.66 -1.15
CA GLY G 441 17.26 33.23 -2.67
CA ALA G 442 20.76 33.41 -4.09
CA ILE G 443 22.03 33.83 -0.54
CA TYR G 444 19.84 30.88 0.43
CA GLY G 445 20.83 29.11 -2.78
CA ALA G 446 23.51 26.39 -2.97
CA ALA G 447 24.38 28.29 -0.09
CA PHE G 448 22.47 26.03 2.37
CA SER G 449 21.02 23.47 -0.02
CA GLY G 450 21.62 19.79 -0.68
CA VAL G 451 19.81 18.84 2.53
CA SER G 452 16.92 16.44 2.94
CA TRP G 453 13.41 16.80 4.39
CA THR G 454 14.28 15.74 7.96
CA MET G 455 17.49 17.72 8.23
CA LYS G 456 15.84 20.82 6.79
CA ILE G 457 13.02 20.78 9.34
CA LEU G 458 15.54 20.06 12.11
CA ILE G 459 17.83 22.92 11.10
CA GLY G 460 14.68 25.02 10.93
CA VAL G 461 13.65 24.26 14.49
CA VAL G 462 17.14 24.80 15.89
CA ILE G 463 17.54 28.11 14.09
CA THR G 464 14.07 29.19 15.16
CA TRP G 465 14.97 28.37 18.77
CA ILE G 466 18.19 30.38 18.57
CA GLY G 467 16.08 33.17 17.14
CA MET G 468 13.61 32.75 19.98
CA ASN G 469 16.45 33.38 22.47
CA SER G 470 15.89 37.06 21.68
CA ARG G 471 19.03 39.21 21.58
CA SER G 472 18.81 42.89 20.58
CA THR G 473 15.85 42.48 18.13
CA SER G 474 17.82 40.42 15.65
CA LEU G 475 15.12 37.88 16.48
CA SER G 476 12.94 39.09 13.61
CA VAL G 477 15.33 38.65 10.64
CA SER G 478 16.38 35.57 12.57
CA LEU G 479 13.42 33.67 14.08
CA VAL G 480 10.26 34.81 12.29
CA LEU G 481 11.57 35.21 8.73
CA VAL G 482 13.85 32.18 8.86
CA GLY G 483 11.34 29.97 10.69
CA VAL G 484 8.57 30.78 8.21
CA VAL G 485 10.77 30.19 5.16
CA THR G 486 12.37 27.01 6.55
CA LEU G 487 9.18 25.34 7.76
CA TYR G 488 6.97 26.36 4.81
CA LEU G 489 9.75 25.26 2.52
CA GLY G 490 10.59 21.99 4.30
CA VAL G 491 7.08 20.64 4.55
CA MET G 492 6.44 21.45 0.88
CA VAL G 493 9.62 20.09 -0.75
CA GLN G 494 10.43 16.50 -1.81
CA ALA G 495 7.22 16.39 -3.77
CA SER H 1 28.16 2.68 -3.63
CA VAL H 2 25.17 4.58 -4.98
CA ALA H 3 23.36 3.31 -1.91
CA LEU H 4 23.73 6.85 -0.63
CA VAL H 5 24.11 10.43 -1.84
CA PRO H 6 20.42 10.01 -2.77
CA HIS H 7 19.98 13.26 -4.78
CA VAL H 8 17.84 15.05 -2.23
CA GLY H 9 18.23 18.80 -1.79
CA MET H 10 19.93 19.43 -5.12
CA GLY H 11 17.14 21.64 -6.35
CA LEU H 12 15.57 21.08 -9.74
CA GLU H 13 12.05 20.51 -8.46
CA THR H 14 8.81 20.92 -10.36
CA ARG H 15 5.08 20.82 -9.71
CA THR H 16 5.00 17.04 -10.13
CA GLU H 17 6.14 14.26 -7.84
CA THR H 18 9.67 13.26 -8.56
CA TRP H 19 10.58 9.60 -8.16
CA MET H 20 9.53 7.85 -4.96
CA SER H 21 6.65 10.29 -4.21
CA SER H 22 7.10 10.93 -0.47
CA GLU H 23 8.07 7.32 0.23
CA GLY H 24 11.79 7.90 0.70
CA ALA H 25 11.18 10.28 3.61
CA TRP H 26 9.06 7.76 5.49
CA LYS H 27 11.62 5.12 4.46
CA HIS H 28 14.38 7.08 6.20
CA ALA H 29 12.32 7.76 9.32
CA GLN H 30 11.04 4.20 9.66
CA ARG H 31 14.45 2.62 9.24
CA ILE H 32 16.04 4.85 11.88
CA GLU H 33 13.12 4.16 14.22
CA THR H 34 13.52 0.43 13.57
CA TRP H 35 17.24 0.60 14.27
CA ILE H 36 16.56 2.44 17.54
CA LEU H 37 14.02 -0.25 18.44
CA ARG H 38 16.49 -3.05 17.79
CA HIS H 39 19.44 -1.55 19.72
CA PRO H 40 18.19 0.08 22.93
CA GLY H 41 21.55 0.04 24.69
CA PHE H 42 23.11 2.57 22.35
CA THR H 43 20.06 4.78 22.86
CA ILE H 44 20.60 4.60 26.62
CA MET H 45 24.29 5.39 26.11
CA ALA H 46 23.40 8.40 23.96
CA ALA H 47 20.94 9.59 26.61
CA ILE H 48 23.63 9.34 29.30
CA LEU H 49 26.07 11.28 27.11
CA ALA H 50 23.40 13.91 26.47
CA TYR H 51 22.84 14.25 30.19
CA THR H 52 26.58 14.53 30.90
CA ILE H 53 27.84 16.92 28.21
CA GLY H 54 25.94 20.07 27.40
CA THR H 55 23.75 20.17 30.54
CA THR H 56 21.50 22.92 29.32
CA TYR H 57 18.27 21.14 28.40
CA PHE H 58 18.00 22.27 24.78
CA GLN H 59 21.59 21.22 24.08
CA ARG H 60 20.83 17.85 25.68
CA VAL H 61 17.81 17.24 23.44
CA LEU H 62 19.73 18.39 20.36
CA ILE H 63 22.71 16.11 20.82
CA PHE H 64 20.49 13.21 21.82
CA ILE H 65 18.45 13.37 18.63
CA LEU H 66 21.71 13.79 16.71
CA LEU H 67 23.32 10.71 18.29
CA THR H 68 20.19 8.79 17.40
CA ALA H 69 20.67 10.04 13.85
CA VAL H 70 24.43 9.44 13.60
CA THR H 71 23.95 5.83 12.51
CA PRO H 72 24.90 5.12 8.86
CA GLU I 1 -13.97 -2.34 -41.07
CA VAL I 2 -16.03 -1.63 -37.97
CA GLN I 3 -16.14 -5.17 -36.73
CA LEU I 4 -16.07 -7.55 -33.80
CA VAL I 5 -15.60 -11.33 -33.99
CA GLN I 6 -16.62 -13.80 -31.29
CA SER I 7 -15.64 -17.38 -30.64
CA GLY I 8 -17.41 -20.53 -31.76
CA PRO I 9 -20.25 -22.22 -29.90
CA ASP I 10 -19.40 -24.33 -26.88
CA VAL I 11 -21.03 -27.02 -24.75
CA GLU I 12 -20.01 -27.44 -21.11
CA LYS I 13 -20.98 -29.47 -18.06
CA PRO I 14 -23.17 -28.19 -15.21
CA GLY I 15 -21.12 -26.53 -12.51
CA ALA I 16 -18.21 -25.88 -14.88
CA SER I 17 -17.02 -22.55 -16.25
CA VAL I 18 -16.95 -21.28 -19.84
CA LYS I 19 -14.81 -18.64 -21.55
CA VAL I 20 -15.99 -16.60 -24.54
CA SER I 21 -13.68 -14.32 -26.52
CA CYS I 22 -14.50 -11.06 -28.31
CA LYS I 23 -11.86 -9.76 -30.73
CA ALA I 24 -11.97 -6.25 -32.17
CA SER I 25 -11.07 -4.68 -35.49
CA GLY I 26 -11.30 -1.37 -37.27
CA TYR I 27 -10.65 1.30 -34.66
CA THR I 28 -8.57 2.15 -31.58
CA PHE I 29 -9.35 -0.62 -29.07
CA THR I 30 -9.24 1.70 -26.06
CA SER I 31 -11.82 4.13 -27.52
CA ASN I 32 -14.92 2.13 -26.52
CA TYR I 33 -16.18 -0.02 -23.66
CA ILE I 34 -17.15 -3.67 -24.14
CA HIS I 35 -20.43 -4.99 -22.82
CA TRP I 36 -21.78 -8.53 -22.62
CA VAL I 37 -25.45 -9.40 -23.15
CA ARG I 38 -27.15 -12.80 -23.06
CA GLN I 39 -30.29 -14.14 -24.72
CA ALA I 40 -32.07 -17.33 -23.79
CA PRO I 41 -33.91 -18.80 -26.81
CA GLY I 42 -37.32 -18.70 -25.16
CA GLN I 43 -36.70 -15.17 -23.91
CA GLY I 44 -35.64 -11.74 -25.08
CA LEU I 45 -32.33 -10.07 -24.29
CA GLU I 46 -30.66 -9.71 -20.89
CA TRP I 47 -27.62 -7.69 -19.87
CA MET I 48 -24.75 -9.52 -18.22
CA GLY I 49 -22.06 -6.92 -17.59
CA VAL I 50 -19.44 -4.39 -18.54
CA ILE I 51 -15.66 -4.22 -19.00
CA ASN I 52 -13.47 -1.29 -19.97
CA PRO I 53 -10.53 -2.07 -22.28
CA ARG I 54 -8.50 0.96 -21.20
CA GLY I 55 -7.47 -0.02 -17.69
CA GLY I 56 -9.82 -2.92 -17.04
CA SER I 57 -12.53 -2.18 -14.51
CA THR I 58 -15.62 -4.38 -14.63
CA ALA I 59 -19.11 -4.56 -13.25
CA SER I 60 -22.14 -6.80 -13.65
CA ALA I 61 -25.81 -7.11 -12.81
CA GLN I 62 -27.28 -8.50 -9.61
CA LYS I 63 -28.43 -11.68 -11.34
CA PHE I 64 -24.76 -12.57 -11.87
CA GLN I 65 -23.49 -11.84 -8.35
CA GLY I 66 -20.10 -13.50 -8.12
CA ARG I 67 -20.57 -15.79 -11.12
CA ILE I 68 -18.92 -13.80 -13.92
CA THR I 69 -15.37 -12.58 -14.58
CA MET I 70 -14.13 -10.28 -17.35
CA THR I 71 -10.55 -9.86 -18.56
CA ARG I 72 -8.86 -8.65 -21.72
CA ASP I 73 -5.70 -8.60 -23.78
CA THR I 74 -4.75 -5.13 -25.02
CA SER I 75 -2.12 -6.52 -27.38
CA THR I 76 -4.58 -8.71 -29.26
CA SER I 77 -7.46 -6.23 -28.65
CA THR I 78 -9.61 -8.99 -27.21
CA VAL I 79 -12.08 -9.32 -24.33
CA TYR I 80 -12.64 -12.53 -22.39
CA MET I 81 -15.82 -13.33 -20.47
CA GLU I 82 -15.71 -16.24 -18.06
CA LEU I 83 -18.97 -17.48 -16.61
CA SER I 84 -18.67 -19.69 -13.54
CA SER I 85 -21.09 -22.08 -11.81
CA LEU I 86 -22.84 -23.11 -15.02
CA ARG I 87 -26.38 -24.44 -14.78
CA SER I 88 -29.01 -25.33 -17.36
CA ASP I 89 -30.42 -21.79 -17.39
CA ASP I 90 -27.13 -20.48 -18.76
CA THR I 91 -27.73 -22.12 -22.15
CA ALA I 92 -28.04 -19.00 -24.27
CA VAL I 93 -26.55 -16.87 -27.03
CA TYR I 94 -23.90 -14.37 -25.93
CA TYR I 95 -23.16 -10.93 -27.31
CA CYS I 96 -20.47 -8.28 -26.87
CA ALA I 97 -21.19 -4.72 -27.99
CA ARG I 98 -19.23 -1.49 -27.51
CA GLY I 99 -19.94 1.84 -25.82
CA GLY I 100 -19.02 5.42 -26.71
CA ARG I 101 -16.61 5.82 -23.77
CA ALA I 102 -16.43 8.12 -20.73
CA LEU I 103 -12.73 8.33 -21.42
CA PHE I 104 -11.33 6.81 -18.21
CA TYR I 105 -13.59 4.02 -16.91
CA ASP I 106 -17.03 2.40 -16.37
CA SER I 107 -20.67 2.32 -17.51
CA TYR I 108 -21.49 6.03 -17.39
CA THR I 109 -24.92 7.19 -18.50
CA THR I 110 -24.83 10.99 -18.31
CA PRO I 111 -22.42 11.52 -21.23
CA ARG I 112 -25.27 11.67 -23.76
CA ASP I 113 -26.02 7.95 -24.18
CA GLY I 114 -24.04 4.78 -24.83
CA GLY I 115 -25.59 4.76 -28.27
CA SER I 116 -26.39 1.06 -28.92
CA TRP I 117 -26.99 -2.01 -26.71
CA TRP I 118 -25.81 -3.96 -28.87
CA PHE I 119 -26.13 -4.20 -32.59
CA ASP I 120 -23.91 -1.72 -34.43
CA PRO I 121 -20.43 -3.36 -34.11
CA TRP I 122 -21.20 -6.46 -32.26
CA GLY I 123 -20.14 -9.67 -33.99
CA GLN I 124 -21.64 -13.03 -34.95
CA GLY I 125 -22.71 -14.64 -31.68
CA SER I 126 -21.60 -17.29 -29.22
CA LEU I 127 -23.98 -20.13 -28.44
CA VAL I 128 -23.28 -21.77 -25.07
CA THR I 129 -25.06 -24.96 -24.04
CA VAL I 130 -24.89 -26.43 -20.55
CA SER I 131 -25.62 -30.15 -20.71
CA SER I 132 -24.45 -33.51 -19.44
CA ASP J 1 -35.95 -2.16 -11.83
CA ILE J 2 -36.31 -0.53 -14.18
CA GLN J 3 -39.37 -2.26 -15.61
CA LEU J 4 -39.88 -1.72 -19.34
CA THR J 5 -43.16 -2.88 -20.86
CA GLN J 6 -43.40 -3.30 -24.61
CA SER J 7 -46.72 -3.34 -26.43
CA PRO J 8 -48.11 -5.15 -28.22
CA SER J 9 -46.37 -8.51 -28.07
CA SER J 10 -46.96 -9.52 -31.69
CA LEU J 11 -48.47 -7.98 -34.81
CA SER J 12 -49.46 -8.90 -38.34
CA ALA J 13 -49.82 -6.35 -41.12
CA SER J 14 -49.71 -6.08 -44.89
CA VAL J 15 -46.96 -4.63 -47.03
CA GLY J 16 -46.96 -0.83 -47.02
CA ASP J 17 -48.79 -0.32 -43.73
CA ARG J 18 -47.88 2.09 -40.95
CA VAL J 19 -47.21 0.35 -37.65
CA THR J 20 -46.56 1.83 -34.19
CA PHE J 21 -45.06 0.33 -31.04
CA THR J 22 -45.40 1.62 -27.50
CA CYS J 23 -42.94 1.19 -24.65
CA GLN J 24 -43.65 2.31 -21.10
CA ALA J 25 -41.16 2.73 -18.28
CA SER J 26 -41.82 2.73 -14.56
CA GLN J 27 -39.27 5.52 -14.10
CA ASP J 28 -38.30 8.67 -15.96
CA ILE J 29 -35.89 7.68 -18.73
CA ARG J 30 -36.20 11.08 -20.40
CA LYS J 31 -34.35 10.37 -23.66
CA TYR J 32 -32.39 7.20 -22.95
CA LEU J 33 -34.10 4.67 -25.18
CA ASN J 34 -33.06 2.57 -28.14
CA TRP J 35 -34.98 0.61 -30.78
CA TYR J 36 -33.57 -2.51 -32.46
CA GLN J 37 -34.64 -5.02 -35.07
CA GLN J 38 -33.65 -8.67 -34.92
CA LYS J 39 -33.99 -11.05 -37.75
CA PRO J 40 -34.46 -14.52 -36.30
CA GLY J 41 -31.22 -16.43 -35.84
CA LYS J 42 -29.35 -13.67 -37.65
CA ALA J 43 -27.10 -10.72 -36.98
CA PRO J 44 -29.35 -7.87 -35.87
CA LYS J 45 -29.23 -4.14 -36.42
CA LEU J 46 -29.84 -0.89 -34.57
CA LEU J 47 -32.72 1.26 -35.77
CA ILE J 48 -33.17 4.23 -33.42
CA TYR J 49 -30.87 5.81 -30.85
CA ASP J 50 -31.95 8.49 -28.33
CA ALA J 51 -35.57 7.48 -29.18
CA SER J 52 -35.67 10.10 -31.96
CA ASN J 53 -32.65 9.64 -34.22
CA LEU J 54 -31.94 7.49 -37.25
CA LYS J 55 -28.67 5.67 -37.70
CA THR J 56 -26.87 6.45 -40.95
CA GLY J 57 -27.50 3.55 -43.28
CA VAL J 58 -31.02 2.95 -41.96
CA PRO J 59 -33.76 3.88 -44.49
CA SER J 60 -36.03 6.79 -43.69
CA ARG J 61 -39.22 4.77 -43.16
CA PHE J 62 -38.36 4.32 -39.46
CA SER J 63 -39.03 6.91 -36.78
CA GLY J 64 -39.44 7.26 -33.04
CA SER J 65 -40.88 9.77 -30.62
CA GLY J 66 -41.86 10.25 -27.01
CA SER J 67 -40.33 11.97 -24.02
CA GLY J 68 -41.52 11.10 -20.54
CA THR J 69 -42.20 7.38 -20.10
CA ASP J 70 -44.32 6.45 -23.13
CA PHE J 71 -42.52 6.04 -26.41
CA THR J 72 -43.75 5.38 -29.92
CA PHE J 73 -41.84 3.61 -32.66
CA THR J 74 -43.21 3.97 -36.18
CA ILE J 75 -42.66 2.27 -39.51
CA SER J 76 -44.26 4.37 -42.24
CA SER J 77 -44.40 1.72 -44.99
CA LEU J 78 -44.03 -1.92 -44.02
CA GLN J 79 -41.69 -3.81 -46.35
CA PRO J 80 -41.16 -7.59 -46.66
CA GLU J 81 -37.57 -7.45 -45.41
CA ASP J 82 -38.77 -5.84 -42.17
CA VAL J 83 -40.15 -9.02 -40.60
CA ALA J 84 -38.15 -9.09 -37.36
CA THR J 85 -38.44 -9.05 -33.60
CA TYR J 86 -38.31 -5.46 -32.40
CA TYR J 87 -36.95 -4.37 -29.04
CA CYS J 88 -37.04 -1.18 -27.03
CA GLN J 89 -34.41 -0.64 -24.39
CA GLN J 90 -33.74 1.69 -21.46
CA PHE J 91 -30.25 3.03 -20.90
CA ASP J 92 -30.78 4.79 -17.59
CA ASP J 93 -29.61 3.87 -14.05
CA LEU J 94 -27.79 0.62 -15.13
CA PRO J 95 -29.52 -2.56 -14.27
CA ILE J 96 -29.92 -2.37 -18.02
CA THR J 97 -33.25 -3.77 -19.06
CA PHE J 98 -34.68 -4.67 -22.45
CA GLY J 99 -38.22 -4.78 -23.64
CA GLN J 100 -39.91 -8.13 -24.04
CA GLY J 101 -40.06 -8.06 -27.84
CA THR J 102 -42.43 -7.56 -30.74
CA ARG J 103 -42.68 -10.09 -33.54
CA LEU J 104 -44.00 -9.22 -37.00
CA GLN J 105 -45.82 -11.33 -39.57
CA ILE J 106 -46.43 -10.35 -43.18
CA LYS J 107 -49.95 -10.67 -44.54
#